data_7VLB
#
_entry.id   7VLB
#
_cell.length_a   137.874
_cell.length_b   137.874
_cell.length_c   135.730
_cell.angle_alpha   90.000
_cell.angle_beta   90.000
_cell.angle_gamma   90.000
#
_symmetry.space_group_name_H-M   'P 43 21 2'
#
loop_
_entity.id
_entity.type
_entity.pdbx_description
1 polymer UDP-glycosyltransferase
2 non-polymer "URIDINE-5'-DIPHOSPHATE"
3 water water
#
_entity_poly.entity_id   1
_entity_poly.type   'polypeptide(L)'
_entity_poly.pdbx_seq_one_letter_code
;MKKHHISMINIPAYGHVNPTLALVEKLCEKGHRVTYATTEEFAPAVQQAGGEALIYHTSLNIDPKQIREMMEKNDATLSL
LKESLSILPQLEELYKDDQPDLIIYDFVALAGKLFADKLNVPVIKLCSSYAQNESFQLGNEDMLKKIKEAEAEFKAYLEQ
EQLPAVSFEQLAVPEALNIVFMPKSFQIQHETFDDRFCFVGPSLGKRTEQESLLIDKGDRPLMLISLGTAFNAWPEFYKM
CIDAFRDSSWQVIMSVGKSIDPESLDDTPANFTIRQSVPQLEVLAKADLFISHGGMNSTMEAMNAGVPLVVIPQMYEQEL
TAKRVDELGLGVYLQREEVTVSKLQEAVQAVSGDQELLSRVKSMQKDVKEAGGAERAAAEIEAFMKKSAVPQ
;
_entity_poly.pdbx_strand_id   A,B
#
loop_
_chem_comp.id
_chem_comp.type
_chem_comp.name
_chem_comp.formula
UDP RNA linking URIDINE-5'-DIPHOSPHATE 'C9 H14 N2 O12 P2'
#
# COMPACT_ATOMS: atom_id res chain seq x y z
N HIS A 4 -30.83 -19.42 7.56
CA HIS A 4 -30.30 -19.18 6.19
C HIS A 4 -29.18 -20.18 5.88
N HIS A 5 -29.18 -20.76 4.67
CA HIS A 5 -28.18 -21.79 4.31
C HIS A 5 -27.11 -21.20 3.41
N ILE A 6 -25.89 -21.01 3.95
CA ILE A 6 -24.76 -20.50 3.12
C ILE A 6 -23.92 -21.69 2.69
N SER A 7 -23.67 -21.81 1.38
CA SER A 7 -22.87 -22.94 0.84
C SER A 7 -21.49 -22.43 0.42
N MET A 8 -20.42 -22.84 1.13
CA MET A 8 -19.02 -22.56 0.75
C MET A 8 -18.54 -23.66 -0.19
N ILE A 9 -18.06 -23.29 -1.38
CA ILE A 9 -17.44 -24.19 -2.39
C ILE A 9 -15.97 -23.79 -2.51
N ASN A 10 -15.05 -24.76 -2.53
CA ASN A 10 -13.59 -24.53 -2.54
C ASN A 10 -12.87 -25.71 -3.18
N ILE A 11 -11.59 -25.57 -3.53
CA ILE A 11 -10.73 -26.74 -3.89
C ILE A 11 -10.19 -27.35 -2.60
N PRO A 12 -9.62 -28.58 -2.63
CA PRO A 12 -8.99 -29.18 -1.45
C PRO A 12 -7.49 -28.84 -1.36
N ALA A 13 -7.19 -27.74 -0.66
CA ALA A 13 -5.88 -27.04 -0.62
C ALA A 13 -5.83 -26.13 0.62
N TYR A 14 -4.85 -26.29 1.50
CA TYR A 14 -4.80 -25.57 2.80
C TYR A 14 -4.79 -24.07 2.53
N GLY A 15 -4.01 -23.66 1.54
CA GLY A 15 -3.86 -22.21 1.28
C GLY A 15 -5.10 -21.59 0.71
N HIS A 16 -5.97 -22.41 0.12
CA HIS A 16 -7.19 -21.87 -0.53
C HIS A 16 -8.39 -22.09 0.38
N VAL A 17 -8.20 -22.83 1.48
CA VAL A 17 -9.36 -23.17 2.35
C VAL A 17 -9.14 -22.66 3.77
N ASN A 18 -7.91 -22.31 4.14
CA ASN A 18 -7.76 -21.96 5.59
C ASN A 18 -8.41 -20.63 5.94
N PRO A 19 -8.28 -19.57 5.08
CA PRO A 19 -8.91 -18.27 5.36
C PRO A 19 -10.42 -18.33 5.64
N THR A 20 -11.11 -19.30 5.00
CA THR A 20 -12.58 -19.49 5.04
C THR A 20 -12.98 -19.98 6.43
N LEU A 21 -12.15 -20.82 7.06
CA LEU A 21 -12.45 -21.44 8.37
C LEU A 21 -12.86 -20.36 9.36
N ALA A 22 -12.07 -19.30 9.49
CA ALA A 22 -12.34 -18.21 10.47
C ALA A 22 -13.67 -17.55 10.08
N LEU A 23 -13.90 -17.42 8.78
CA LEU A 23 -15.15 -16.89 8.19
C LEU A 23 -16.34 -17.78 8.60
N VAL A 24 -16.20 -19.10 8.46
CA VAL A 24 -17.29 -20.08 8.73
C VAL A 24 -17.67 -20.02 10.23
N GLU A 25 -16.67 -19.93 11.11
CA GLU A 25 -16.83 -19.78 12.58
C GLU A 25 -17.73 -18.57 12.91
N LYS A 26 -17.56 -17.44 12.21
CA LYS A 26 -18.35 -16.19 12.41
C LYS A 26 -19.78 -16.36 11.89
N LEU A 27 -19.94 -16.78 10.64
CA LEU A 27 -21.29 -16.91 10.04
C LEU A 27 -22.15 -17.81 10.94
N CYS A 28 -21.56 -18.90 11.42
CA CYS A 28 -22.30 -19.83 12.32
C CYS A 28 -22.64 -19.09 13.62
N GLU A 29 -21.67 -18.37 14.20
CA GLU A 29 -21.92 -17.59 15.42
C GLU A 29 -23.07 -16.61 15.16
N LYS A 30 -23.42 -16.42 13.88
CA LYS A 30 -24.53 -15.51 13.52
C LYS A 30 -25.75 -16.36 13.14
N GLY A 31 -25.81 -17.59 13.65
CA GLY A 31 -26.98 -18.45 13.41
C GLY A 31 -27.25 -18.71 11.93
N HIS A 32 -26.20 -18.96 11.15
CA HIS A 32 -26.39 -19.31 9.72
C HIS A 32 -25.86 -20.71 9.47
N ARG A 33 -26.67 -21.60 8.89
CA ARG A 33 -26.18 -22.94 8.53
C ARG A 33 -25.17 -22.77 7.38
N VAL A 34 -23.96 -23.30 7.56
CA VAL A 34 -22.90 -23.17 6.51
C VAL A 34 -22.49 -24.58 6.06
N THR A 35 -22.71 -24.89 4.79
CA THR A 35 -22.28 -26.20 4.24
C THR A 35 -20.97 -25.99 3.47
N TYR A 36 -20.07 -26.97 3.52
CA TYR A 36 -18.74 -26.81 2.86
C TYR A 36 -18.50 -27.97 1.90
N ALA A 37 -18.31 -27.66 0.62
CA ALA A 37 -18.10 -28.70 -0.40
C ALA A 37 -16.60 -28.95 -0.44
N THR A 38 -16.13 -29.96 0.28
CA THR A 38 -14.69 -30.28 0.36
C THR A 38 -14.50 -31.80 0.28
N THR A 39 -13.26 -32.27 0.34
CA THR A 39 -12.86 -33.70 0.41
C THR A 39 -12.69 -34.07 1.89
N GLU A 40 -12.35 -35.31 2.21
CA GLU A 40 -12.23 -35.83 3.60
C GLU A 40 -11.05 -35.18 4.33
N GLU A 41 -9.96 -34.83 3.61
CA GLU A 41 -8.73 -34.23 4.17
C GLU A 41 -9.06 -32.99 5.00
N PHE A 42 -10.12 -32.27 4.63
CA PHE A 42 -10.44 -30.94 5.18
C PHE A 42 -11.67 -31.00 6.09
N ALA A 43 -12.42 -32.11 6.10
CA ALA A 43 -13.72 -32.22 6.80
C ALA A 43 -13.54 -31.96 8.30
N PRO A 44 -12.42 -32.39 8.92
CA PRO A 44 -12.16 -32.04 10.32
C PRO A 44 -12.03 -30.52 10.58
N ALA A 45 -11.27 -29.80 9.74
CA ALA A 45 -11.07 -28.33 9.84
C ALA A 45 -12.42 -27.63 9.67
N VAL A 46 -13.16 -28.05 8.64
CA VAL A 46 -14.50 -27.50 8.31
C VAL A 46 -15.47 -27.77 9.47
N GLN A 47 -15.44 -28.98 10.04
CA GLN A 47 -16.35 -29.41 11.14
C GLN A 47 -16.00 -28.63 12.42
N GLN A 48 -14.75 -28.18 12.57
CA GLN A 48 -14.25 -27.52 13.81
C GLN A 48 -14.70 -26.07 13.82
N ALA A 49 -14.86 -25.50 12.63
CA ALA A 49 -15.24 -24.09 12.38
C ALA A 49 -16.76 -23.98 12.57
N GLY A 50 -17.49 -25.03 12.20
CA GLY A 50 -18.95 -25.14 12.38
C GLY A 50 -19.63 -25.57 11.10
N GLY A 51 -18.88 -25.72 10.01
CA GLY A 51 -19.46 -26.13 8.72
C GLY A 51 -19.87 -27.59 8.75
N GLU A 52 -20.91 -27.94 8.00
CA GLU A 52 -21.23 -29.35 7.61
C GLU A 52 -20.42 -29.71 6.37
N ALA A 53 -19.37 -30.49 6.50
CA ALA A 53 -18.62 -30.99 5.32
C ALA A 53 -19.57 -31.81 4.45
N LEU A 54 -19.68 -31.49 3.15
CA LEU A 54 -20.32 -32.36 2.14
C LEU A 54 -19.23 -32.72 1.15
N ILE A 55 -18.95 -34.03 0.97
CA ILE A 55 -17.76 -34.55 0.23
C ILE A 55 -18.08 -34.75 -1.25
N TYR A 56 -17.09 -34.44 -2.08
CA TYR A 56 -17.03 -34.79 -3.52
C TYR A 56 -15.74 -35.58 -3.71
N HIS A 57 -15.84 -36.74 -4.34
CA HIS A 57 -14.67 -37.49 -4.86
C HIS A 57 -13.98 -36.41 -5.79
N THR A 58 -12.65 -36.13 -5.73
CA THR A 58 -11.94 -34.99 -6.46
C THR A 58 -10.87 -35.46 -7.46
N SER A 59 -10.48 -34.59 -8.39
CA SER A 59 -9.46 -34.87 -9.45
C SER A 59 -8.13 -34.14 -9.20
N LEU A 60 -8.00 -33.26 -8.20
CA LEU A 60 -6.75 -32.47 -7.96
C LEU A 60 -5.79 -33.28 -7.08
N ASN A 61 -4.50 -32.95 -7.17
CA ASN A 61 -3.45 -33.53 -6.30
C ASN A 61 -3.38 -32.75 -4.99
N ILE A 62 -3.19 -33.48 -3.89
CA ILE A 62 -3.13 -32.96 -2.49
C ILE A 62 -1.74 -33.27 -1.92
N ASP A 63 -1.23 -34.49 -2.14
CA ASP A 63 0.10 -34.93 -1.63
C ASP A 63 1.18 -34.14 -2.36
N PRO A 64 2.08 -33.45 -1.63
CA PRO A 64 3.14 -32.63 -2.22
C PRO A 64 4.06 -33.32 -3.24
N LYS A 65 4.29 -34.64 -3.08
CA LYS A 65 5.04 -35.53 -4.02
C LYS A 65 4.37 -35.50 -5.40
N GLN A 66 3.06 -35.69 -5.42
CA GLN A 66 2.21 -35.70 -6.64
C GLN A 66 2.21 -34.31 -7.28
N ILE A 67 2.34 -33.23 -6.50
CA ILE A 67 2.35 -31.84 -7.03
C ILE A 67 3.71 -31.56 -7.67
N ARG A 68 4.80 -32.11 -7.13
CA ARG A 68 6.17 -31.88 -7.70
C ARG A 68 6.30 -32.65 -9.01
N GLU A 69 6.06 -33.97 -9.02
CA GLU A 69 5.77 -34.73 -10.27
C GLU A 69 4.46 -34.18 -10.82
N MET A 70 3.99 -34.65 -11.98
CA MET A 70 2.89 -33.99 -12.73
C MET A 70 3.19 -32.48 -12.75
N MET A 71 4.48 -32.12 -12.81
CA MET A 71 4.98 -30.75 -13.13
C MET A 71 5.50 -30.79 -14.57
N GLU A 72 5.06 -31.79 -15.36
CA GLU A 72 5.36 -31.93 -16.81
C GLU A 72 4.79 -30.72 -17.55
N LYS A 73 3.80 -30.05 -16.95
CA LYS A 73 3.30 -28.71 -17.37
C LYS A 73 2.61 -28.84 -18.74
N ASN A 74 1.88 -29.94 -18.94
CA ASN A 74 1.11 -30.11 -20.21
C ASN A 74 -0.22 -29.35 -20.06
N ASP A 75 -0.17 -28.02 -20.02
CA ASP A 75 -1.40 -27.21 -19.78
C ASP A 75 -1.84 -27.42 -18.33
N ALA A 76 -0.90 -27.35 -17.39
CA ALA A 76 -1.23 -27.62 -15.97
C ALA A 76 -2.33 -26.69 -15.48
N THR A 77 -2.54 -25.56 -16.17
CA THR A 77 -3.63 -24.62 -15.78
C THR A 77 -4.98 -25.30 -16.03
N LEU A 78 -5.07 -26.14 -17.08
CA LEU A 78 -6.36 -26.79 -17.43
C LEU A 78 -6.89 -27.58 -16.22
N SER A 79 -6.00 -28.16 -15.43
CA SER A 79 -6.42 -28.91 -14.21
C SER A 79 -7.62 -28.23 -13.56
N LEU A 80 -7.50 -26.94 -13.24
CA LEU A 80 -8.53 -26.19 -12.48
C LEU A 80 -9.84 -26.16 -13.28
N LEU A 81 -9.78 -26.17 -14.62
CA LEU A 81 -11.00 -26.18 -15.48
C LEU A 81 -11.68 -27.55 -15.39
N LYS A 82 -10.97 -28.61 -15.80
CA LYS A 82 -11.46 -30.02 -15.69
C LYS A 82 -12.05 -30.27 -14.29
N GLU A 83 -11.39 -29.77 -13.24
CA GLU A 83 -11.82 -29.96 -11.82
C GLU A 83 -13.18 -29.26 -11.61
N SER A 84 -13.43 -28.13 -12.26
CA SER A 84 -14.74 -27.43 -12.20
C SER A 84 -15.81 -28.30 -12.84
N LEU A 85 -15.41 -29.09 -13.85
CA LEU A 85 -16.33 -29.91 -14.68
C LEU A 85 -16.58 -31.27 -14.01
N SER A 86 -15.60 -31.81 -13.27
CA SER A 86 -15.82 -32.95 -12.33
C SER A 86 -16.71 -32.52 -11.16
N ILE A 87 -16.54 -31.31 -10.63
CA ILE A 87 -17.12 -30.91 -9.32
C ILE A 87 -18.56 -30.39 -9.48
N LEU A 88 -18.88 -29.71 -10.58
CA LEU A 88 -20.25 -29.16 -10.83
C LEU A 88 -21.28 -30.29 -10.76
N PRO A 89 -21.12 -31.42 -11.47
CA PRO A 89 -22.10 -32.52 -11.41
C PRO A 89 -22.38 -33.02 -9.98
N GLN A 90 -21.33 -33.07 -9.14
CA GLN A 90 -21.38 -33.62 -7.77
C GLN A 90 -21.98 -32.59 -6.82
N LEU A 91 -21.71 -31.29 -7.03
CA LEU A 91 -22.33 -30.19 -6.24
C LEU A 91 -23.85 -30.21 -6.52
N GLU A 92 -24.23 -30.45 -7.78
CA GLU A 92 -25.64 -30.52 -8.24
C GLU A 92 -26.37 -31.57 -7.39
N GLU A 93 -25.73 -32.73 -7.22
CA GLU A 93 -26.28 -33.89 -6.47
C GLU A 93 -26.27 -33.60 -4.97
N LEU A 94 -25.12 -33.23 -4.40
CA LEU A 94 -24.96 -32.79 -2.98
C LEU A 94 -26.08 -31.81 -2.59
N TYR A 95 -26.49 -30.89 -3.47
CA TYR A 95 -27.45 -29.82 -3.05
C TYR A 95 -28.81 -29.94 -3.76
N LYS A 96 -29.01 -30.95 -4.59
CA LYS A 96 -30.27 -31.20 -5.35
C LYS A 96 -31.49 -30.84 -4.51
N ASP A 97 -31.63 -31.46 -3.35
CA ASP A 97 -32.77 -31.21 -2.43
C ASP A 97 -32.29 -30.41 -1.22
N ASP A 98 -31.17 -29.69 -1.35
CA ASP A 98 -30.65 -28.85 -0.24
C ASP A 98 -30.17 -27.53 -0.83
N GLN A 99 -30.90 -27.02 -1.83
CA GLN A 99 -30.50 -25.77 -2.51
C GLN A 99 -30.05 -24.74 -1.48
N PRO A 100 -28.99 -23.95 -1.76
CA PRO A 100 -28.49 -22.96 -0.83
C PRO A 100 -29.00 -21.53 -1.04
N ASP A 101 -29.24 -20.79 0.05
CA ASP A 101 -29.62 -19.36 -0.03
C ASP A 101 -28.48 -18.54 -0.67
N LEU A 102 -27.23 -18.79 -0.26
CA LEU A 102 -26.04 -18.01 -0.68
C LEU A 102 -24.89 -18.99 -1.00
N ILE A 103 -24.33 -18.91 -2.21
CA ILE A 103 -23.10 -19.64 -2.58
C ILE A 103 -21.91 -18.70 -2.42
N ILE A 104 -20.93 -19.09 -1.61
CA ILE A 104 -19.59 -18.43 -1.58
C ILE A 104 -18.56 -19.41 -2.15
N TYR A 105 -17.77 -18.98 -3.14
CA TYR A 105 -16.82 -19.85 -3.88
C TYR A 105 -15.46 -19.17 -3.98
N ASP A 106 -14.40 -19.95 -3.72
CA ASP A 106 -12.99 -19.53 -3.83
C ASP A 106 -12.66 -19.28 -5.30
N PHE A 107 -11.74 -18.36 -5.58
CA PHE A 107 -11.54 -17.81 -6.94
C PHE A 107 -11.16 -18.92 -7.94
N VAL A 108 -10.69 -20.11 -7.51
CA VAL A 108 -10.31 -21.23 -8.44
C VAL A 108 -11.39 -22.32 -8.44
N ALA A 109 -12.30 -22.28 -7.48
CA ALA A 109 -13.48 -23.17 -7.45
C ALA A 109 -14.51 -22.63 -8.44
N LEU A 110 -14.18 -22.67 -9.74
CA LEU A 110 -15.13 -22.20 -10.80
C LEU A 110 -16.44 -22.95 -10.66
N ALA A 111 -16.40 -24.23 -10.30
CA ALA A 111 -17.58 -25.10 -10.11
C ALA A 111 -18.63 -24.36 -9.30
N GLY A 112 -18.20 -23.50 -8.36
CA GLY A 112 -19.09 -22.69 -7.49
C GLY A 112 -19.78 -21.56 -8.25
N LYS A 113 -19.06 -20.93 -9.19
CA LYS A 113 -19.59 -19.94 -10.16
C LYS A 113 -20.68 -20.59 -11.02
N LEU A 114 -20.32 -21.62 -11.79
CA LEU A 114 -21.24 -22.36 -12.71
C LEU A 114 -22.49 -22.79 -11.91
N PHE A 115 -22.27 -23.44 -10.77
CA PHE A 115 -23.35 -23.97 -9.90
C PHE A 115 -24.29 -22.83 -9.47
N ALA A 116 -23.75 -21.63 -9.23
CA ALA A 116 -24.51 -20.46 -8.72
C ALA A 116 -25.32 -19.83 -9.84
N ASP A 117 -24.70 -19.71 -11.03
CA ASP A 117 -25.34 -19.28 -12.30
C ASP A 117 -26.56 -20.17 -12.55
N LYS A 118 -26.32 -21.49 -12.65
CA LYS A 118 -27.30 -22.56 -12.99
C LYS A 118 -28.52 -22.54 -12.05
N LEU A 119 -28.38 -22.03 -10.82
CA LEU A 119 -29.49 -21.97 -9.82
C LEU A 119 -29.92 -20.52 -9.59
N ASN A 120 -29.30 -19.56 -10.28
CA ASN A 120 -29.61 -18.12 -10.07
C ASN A 120 -29.73 -17.84 -8.57
N VAL A 121 -28.73 -18.25 -7.78
CA VAL A 121 -28.67 -17.97 -6.32
C VAL A 121 -27.55 -16.94 -6.12
N PRO A 122 -27.68 -15.99 -5.16
CA PRO A 122 -26.63 -15.00 -4.91
C PRO A 122 -25.26 -15.66 -4.71
N VAL A 123 -24.21 -15.01 -5.21
CA VAL A 123 -22.83 -15.57 -5.22
C VAL A 123 -21.83 -14.49 -4.80
N ILE A 124 -21.05 -14.77 -3.75
CA ILE A 124 -19.85 -13.99 -3.34
C ILE A 124 -18.59 -14.80 -3.67
N LYS A 125 -17.57 -14.16 -4.23
CA LYS A 125 -16.27 -14.78 -4.61
C LYS A 125 -15.21 -14.41 -3.57
N LEU A 126 -14.61 -15.42 -2.93
CA LEU A 126 -13.43 -15.25 -2.03
C LEU A 126 -12.16 -15.36 -2.87
N CYS A 127 -11.30 -14.33 -2.82
CA CYS A 127 -9.93 -14.30 -3.42
C CYS A 127 -8.89 -14.58 -2.31
N SER A 128 -8.30 -15.78 -2.32
CA SER A 128 -7.34 -16.25 -1.28
C SER A 128 -5.92 -15.84 -1.67
N SER A 129 -5.72 -15.43 -2.93
CA SER A 129 -4.50 -14.78 -3.46
C SER A 129 -4.86 -13.36 -3.90
N TYR A 130 -3.99 -12.71 -4.68
CA TYR A 130 -4.29 -11.44 -5.41
C TYR A 130 -5.67 -11.51 -6.05
N ALA A 131 -6.46 -10.44 -5.93
CA ALA A 131 -7.73 -10.27 -6.67
C ALA A 131 -7.37 -9.94 -8.11
N GLN A 132 -8.37 -9.90 -9.00
CA GLN A 132 -8.18 -9.57 -10.44
C GLN A 132 -9.34 -8.73 -10.96
N ASN A 133 -9.06 -7.97 -12.04
CA ASN A 133 -10.05 -7.08 -12.69
C ASN A 133 -9.59 -6.75 -14.12
N GLU A 134 -10.45 -5.97 -14.80
CA GLU A 134 -10.33 -5.51 -16.21
C GLU A 134 -8.92 -4.96 -16.48
N SER A 135 -8.31 -4.22 -15.54
CA SER A 135 -6.94 -3.65 -15.65
C SER A 135 -5.90 -4.70 -15.29
N PHE A 136 -5.89 -5.14 -14.03
CA PHE A 136 -4.88 -6.09 -13.50
C PHE A 136 -5.33 -7.53 -13.77
N GLN A 137 -4.81 -8.12 -14.84
CA GLN A 137 -4.78 -9.59 -15.09
C GLN A 137 -3.42 -10.11 -14.64
N LEU A 138 -3.37 -10.85 -13.51
CA LEU A 138 -2.12 -11.45 -12.96
C LEU A 138 -1.66 -12.56 -13.92
N GLY A 139 -0.36 -12.70 -14.15
CA GLY A 139 0.20 -13.75 -15.02
C GLY A 139 1.30 -13.25 -15.94
N ASN A 140 2.19 -14.16 -16.33
CA ASN A 140 3.39 -13.91 -17.19
C ASN A 140 2.94 -13.59 -18.63
N GLU A 141 3.90 -13.35 -19.52
CA GLU A 141 3.72 -13.41 -21.00
C GLU A 141 3.12 -14.77 -21.37
N ASP A 142 3.72 -15.85 -20.82
CA ASP A 142 3.54 -17.28 -21.21
C ASP A 142 2.26 -17.85 -20.59
N MET A 143 1.66 -17.13 -19.64
CA MET A 143 0.47 -17.58 -18.85
C MET A 143 -0.80 -16.84 -19.28
N LEU A 144 -0.68 -15.81 -20.12
CA LEU A 144 -1.83 -15.22 -20.87
C LEU A 144 -1.94 -15.91 -22.23
N LYS A 145 -0.81 -16.43 -22.74
CA LYS A 145 -0.68 -17.17 -24.02
C LYS A 145 -0.93 -18.66 -23.79
N LYS A 146 -1.29 -19.07 -22.56
CA LYS A 146 -1.72 -20.46 -22.22
C LYS A 146 -3.25 -20.53 -22.15
N ILE A 147 -3.93 -19.37 -21.97
CA ILE A 147 -5.41 -19.25 -22.10
C ILE A 147 -5.78 -19.20 -23.59
N LYS A 148 -4.80 -19.44 -24.48
CA LYS A 148 -5.05 -19.74 -25.93
C LYS A 148 -5.06 -21.27 -26.12
N GLU A 149 -4.58 -22.04 -25.13
CA GLU A 149 -4.71 -23.53 -25.07
C GLU A 149 -5.78 -23.93 -24.05
N ALA A 150 -6.25 -22.98 -23.24
CA ALA A 150 -7.52 -23.06 -22.49
C ALA A 150 -8.68 -23.07 -23.48
N GLU A 151 -8.50 -22.45 -24.66
CA GLU A 151 -9.53 -22.34 -25.73
C GLU A 151 -9.50 -23.61 -26.61
N ALA A 152 -8.35 -24.30 -26.67
CA ALA A 152 -8.20 -25.64 -27.30
C ALA A 152 -9.12 -26.64 -26.59
N GLU A 153 -9.25 -26.53 -25.26
CA GLU A 153 -10.16 -27.35 -24.41
C GLU A 153 -11.57 -26.74 -24.42
N PHE A 154 -11.69 -25.44 -24.68
CA PHE A 154 -12.97 -24.70 -24.79
C PHE A 154 -13.68 -25.09 -26.09
N LYS A 155 -12.95 -25.62 -27.08
CA LYS A 155 -13.51 -26.23 -28.33
C LYS A 155 -13.63 -27.74 -28.15
N ALA A 156 -13.35 -28.25 -26.94
CA ALA A 156 -13.74 -29.61 -26.46
C ALA A 156 -14.88 -29.46 -25.44
N TYR A 157 -15.39 -28.24 -25.27
CA TYR A 157 -16.62 -27.90 -24.50
C TYR A 157 -17.86 -28.18 -25.38
N LEU A 158 -17.68 -28.15 -26.71
CA LEU A 158 -18.74 -28.41 -27.73
C LEU A 158 -18.62 -29.86 -28.25
N GLU A 159 -17.95 -30.75 -27.50
CA GLU A 159 -17.71 -32.18 -27.85
C GLU A 159 -18.72 -33.07 -27.12
N GLN A 160 -19.27 -32.61 -25.99
CA GLN A 160 -20.26 -33.36 -25.17
C GLN A 160 -21.49 -32.47 -24.90
N GLU A 161 -21.31 -31.24 -24.38
CA GLU A 161 -22.40 -30.26 -24.12
C GLU A 161 -22.11 -28.98 -24.92
N GLN A 162 -22.76 -27.86 -24.57
CA GLN A 162 -22.65 -26.56 -25.30
C GLN A 162 -22.72 -25.42 -24.28
N LEU A 163 -22.38 -24.19 -24.71
CA LEU A 163 -22.53 -22.92 -23.95
C LEU A 163 -23.67 -22.11 -24.54
N PRO A 164 -24.62 -21.58 -23.75
CA PRO A 164 -25.76 -20.84 -24.30
C PRO A 164 -25.36 -19.61 -25.13
N ALA A 165 -24.13 -19.12 -24.87
CA ALA A 165 -23.51 -18.00 -25.62
C ALA A 165 -22.01 -17.99 -25.25
N VAL A 166 -21.34 -16.83 -25.28
CA VAL A 166 -19.92 -16.71 -24.86
C VAL A 166 -19.85 -16.95 -23.34
N SER A 167 -18.96 -17.84 -22.87
CA SER A 167 -18.76 -18.17 -21.43
C SER A 167 -17.30 -18.52 -21.13
N PHE A 168 -16.36 -17.59 -21.34
CA PHE A 168 -14.99 -17.60 -20.73
C PHE A 168 -14.59 -16.19 -20.25
N GLU A 169 -15.29 -15.13 -20.71
CA GLU A 169 -15.10 -13.74 -20.20
C GLU A 169 -15.93 -13.55 -18.93
N GLN A 170 -16.63 -14.59 -18.46
CA GLN A 170 -17.48 -14.59 -17.23
C GLN A 170 -16.79 -15.40 -16.11
N LEU A 171 -15.52 -15.79 -16.27
CA LEU A 171 -14.69 -16.40 -15.19
C LEU A 171 -13.60 -15.42 -14.75
N ALA A 172 -13.10 -14.60 -15.69
CA ALA A 172 -12.17 -13.49 -15.39
C ALA A 172 -12.91 -12.35 -14.65
N VAL A 173 -14.23 -12.20 -14.87
CA VAL A 173 -15.01 -11.00 -14.42
C VAL A 173 -15.41 -11.15 -12.95
N PRO A 174 -15.22 -10.10 -12.13
CA PRO A 174 -15.52 -10.18 -10.70
C PRO A 174 -17.00 -10.02 -10.36
N GLU A 175 -17.40 -10.57 -9.21
CA GLU A 175 -18.81 -10.65 -8.77
C GLU A 175 -19.19 -9.38 -8.01
N ALA A 176 -20.46 -9.30 -7.61
CA ALA A 176 -21.03 -8.17 -6.85
C ALA A 176 -20.12 -7.84 -5.67
N LEU A 177 -19.75 -8.86 -4.92
CA LEU A 177 -18.88 -8.78 -3.70
C LEU A 177 -17.72 -9.75 -3.91
N ASN A 178 -16.49 -9.27 -3.82
CA ASN A 178 -15.25 -10.08 -3.90
C ASN A 178 -14.43 -9.81 -2.66
N ILE A 179 -14.49 -10.67 -1.64
CA ILE A 179 -13.66 -10.59 -0.40
C ILE A 179 -12.24 -11.07 -0.74
N VAL A 180 -11.23 -10.27 -0.37
CA VAL A 180 -9.77 -10.52 -0.59
C VAL A 180 -9.08 -10.52 0.78
N PHE A 181 -8.21 -11.49 1.04
CA PHE A 181 -7.70 -11.78 2.42
C PHE A 181 -6.32 -11.12 2.62
N MET A 182 -6.10 -9.96 2.01
CA MET A 182 -4.91 -9.10 2.23
C MET A 182 -5.45 -7.69 2.41
N PRO A 183 -4.64 -6.74 2.91
CA PRO A 183 -5.06 -5.34 2.97
C PRO A 183 -4.81 -4.70 1.60
N LYS A 184 -5.71 -3.80 1.17
CA LYS A 184 -5.76 -3.23 -0.21
C LYS A 184 -4.40 -2.65 -0.61
N SER A 185 -3.61 -2.15 0.34
CA SER A 185 -2.25 -1.61 0.09
C SER A 185 -1.36 -2.69 -0.54
N PHE A 186 -1.46 -3.93 -0.04
CA PHE A 186 -0.64 -5.10 -0.47
C PHE A 186 -1.18 -5.71 -1.78
N GLN A 187 -2.43 -5.41 -2.16
CA GLN A 187 -2.94 -5.84 -3.49
C GLN A 187 -2.09 -5.18 -4.57
N ILE A 188 -1.68 -5.94 -5.58
CA ILE A 188 -0.94 -5.41 -6.75
C ILE A 188 -1.93 -4.60 -7.58
N GLN A 189 -1.51 -3.42 -8.06
CA GLN A 189 -2.43 -2.54 -8.83
C GLN A 189 -3.63 -2.20 -7.96
N HIS A 190 -3.40 -1.92 -6.68
CA HIS A 190 -4.52 -1.67 -5.73
C HIS A 190 -5.51 -0.67 -6.31
N GLU A 191 -5.04 0.50 -6.72
CA GLU A 191 -5.92 1.60 -7.17
C GLU A 191 -6.95 1.15 -8.21
N THR A 192 -6.68 0.09 -8.96
CA THR A 192 -7.61 -0.27 -10.07
C THR A 192 -8.87 -0.98 -9.54
N PHE A 193 -8.91 -1.33 -8.24
CA PHE A 193 -9.98 -2.18 -7.64
C PHE A 193 -11.06 -1.30 -7.01
N ASP A 194 -12.30 -1.45 -7.52
CA ASP A 194 -13.44 -0.58 -7.15
C ASP A 194 -14.04 -1.10 -5.84
N ASP A 195 -15.32 -0.80 -5.57
CA ASP A 195 -15.98 -1.06 -4.26
C ASP A 195 -16.60 -2.45 -4.23
N ARG A 196 -16.66 -3.17 -5.34
CA ARG A 196 -17.14 -4.57 -5.34
C ARG A 196 -16.03 -5.52 -4.82
N PHE A 197 -14.80 -5.03 -4.60
CA PHE A 197 -13.72 -5.78 -3.89
C PHE A 197 -13.60 -5.31 -2.45
N CYS A 198 -13.53 -6.24 -1.50
CA CYS A 198 -13.47 -5.94 -0.04
C CYS A 198 -12.24 -6.58 0.61
N PHE A 199 -11.19 -5.78 0.86
CA PHE A 199 -9.84 -6.23 1.29
C PHE A 199 -9.75 -6.27 2.81
N VAL A 200 -10.09 -7.40 3.42
CA VAL A 200 -10.20 -7.57 4.90
C VAL A 200 -8.90 -8.08 5.52
N GLY A 201 -7.86 -8.34 4.72
CA GLY A 201 -6.60 -8.92 5.23
C GLY A 201 -6.77 -10.34 5.79
N PRO A 202 -5.80 -10.82 6.61
CA PRO A 202 -5.74 -12.23 7.01
C PRO A 202 -7.01 -12.60 7.78
N SER A 203 -7.52 -13.81 7.55
CA SER A 203 -8.74 -14.38 8.18
C SER A 203 -8.35 -15.55 9.07
N LEU A 204 -7.66 -15.26 10.18
CA LEU A 204 -7.14 -16.26 11.16
C LEU A 204 -8.21 -16.58 12.22
N GLY A 205 -8.26 -17.84 12.62
CA GLY A 205 -9.04 -18.32 13.76
C GLY A 205 -8.46 -19.64 14.22
N LYS A 206 -9.27 -20.54 14.76
CA LYS A 206 -8.76 -21.84 15.27
C LYS A 206 -8.31 -22.69 14.08
N ARG A 207 -7.38 -23.60 14.37
CA ARG A 207 -6.80 -24.57 13.43
C ARG A 207 -6.78 -25.93 14.13
N THR A 208 -7.00 -27.01 13.38
CA THR A 208 -6.74 -28.41 13.80
C THR A 208 -5.62 -28.41 14.85
N GLU A 209 -5.85 -29.06 15.99
CA GLU A 209 -4.84 -29.20 17.07
C GLU A 209 -3.62 -29.92 16.47
N GLN A 210 -2.48 -29.22 16.34
CA GLN A 210 -1.15 -29.82 16.02
C GLN A 210 -0.53 -30.35 17.31
N GLU A 211 0.48 -31.22 17.18
CA GLU A 211 1.23 -31.87 18.29
C GLU A 211 1.61 -30.82 19.35
N SER A 212 1.84 -31.27 20.58
CA SER A 212 2.41 -30.43 21.66
C SER A 212 3.83 -30.00 21.24
N LEU A 213 3.91 -28.80 20.64
CA LEU A 213 5.19 -28.10 20.35
C LEU A 213 5.23 -26.84 21.22
N LEU A 214 5.44 -27.01 22.53
CA LEU A 214 5.80 -25.90 23.45
C LEU A 214 7.26 -25.52 23.15
N ILE A 215 7.58 -24.22 23.19
CA ILE A 215 8.88 -23.67 22.70
C ILE A 215 9.14 -22.33 23.39
N ASP A 216 9.38 -22.35 24.71
CA ASP A 216 9.68 -21.12 25.50
C ASP A 216 10.91 -20.40 24.93
N LYS A 217 11.71 -21.08 24.10
CA LYS A 217 13.02 -20.63 23.54
C LYS A 217 13.91 -20.21 24.72
N GLY A 218 14.58 -19.06 24.65
CA GLY A 218 15.23 -18.44 25.81
C GLY A 218 15.48 -16.96 25.58
N ASP A 219 16.65 -16.48 25.99
CA ASP A 219 17.24 -15.23 25.47
C ASP A 219 18.03 -15.63 24.21
N ARG A 220 17.37 -16.35 23.30
CA ARG A 220 17.89 -16.71 21.96
C ARG A 220 16.77 -16.62 20.91
N PRO A 221 17.07 -16.16 19.68
CA PRO A 221 16.05 -15.87 18.68
C PRO A 221 15.53 -17.09 17.91
N LEU A 222 14.26 -17.05 17.54
CA LEU A 222 13.51 -18.19 16.95
C LEU A 222 13.20 -17.90 15.48
N MET A 223 13.52 -18.85 14.61
CA MET A 223 13.28 -18.80 13.15
C MET A 223 12.34 -19.95 12.78
N LEU A 224 11.33 -19.69 11.95
CA LEU A 224 10.42 -20.71 11.36
C LEU A 224 10.85 -20.96 9.91
N ILE A 225 10.82 -22.22 9.47
CA ILE A 225 11.10 -22.59 8.06
C ILE A 225 9.99 -23.51 7.57
N SER A 226 9.35 -23.15 6.45
CA SER A 226 8.25 -23.91 5.83
C SER A 226 8.09 -23.49 4.38
N LEU A 227 7.89 -24.42 3.45
CA LEU A 227 7.54 -24.09 2.04
C LEU A 227 6.06 -24.38 1.82
N GLY A 228 5.27 -24.38 2.90
CA GLY A 228 3.81 -24.45 2.83
C GLY A 228 3.32 -25.89 2.84
N THR A 229 2.32 -26.22 2.02
CA THR A 229 1.58 -27.51 2.10
C THR A 229 1.46 -28.20 0.73
N ALA A 230 2.13 -27.70 -0.31
CA ALA A 230 1.96 -28.20 -1.70
C ALA A 230 3.31 -28.26 -2.43
N PHE A 231 4.14 -27.21 -2.37
CA PHE A 231 5.46 -27.20 -3.04
C PHE A 231 6.57 -27.29 -1.99
N ASN A 232 6.45 -28.26 -1.11
CA ASN A 232 7.37 -28.45 0.03
C ASN A 232 8.23 -29.71 -0.20
N ALA A 233 8.13 -30.32 -1.40
CA ALA A 233 8.77 -31.61 -1.74
C ALA A 233 10.19 -31.36 -2.27
N TRP A 234 11.05 -30.76 -1.45
CA TRP A 234 12.40 -30.29 -1.81
C TRP A 234 13.37 -30.67 -0.69
N PRO A 235 13.81 -31.94 -0.64
CA PRO A 235 14.71 -32.42 0.40
C PRO A 235 16.00 -31.61 0.52
N GLU A 236 16.58 -31.24 -0.62
CA GLU A 236 17.83 -30.45 -0.76
C GLU A 236 17.75 -29.18 0.13
N PHE A 237 16.67 -28.41 0.04
CA PHE A 237 16.45 -27.16 0.81
C PHE A 237 16.51 -27.43 2.33
N TYR A 238 15.88 -28.50 2.82
CA TYR A 238 15.74 -28.75 4.29
C TYR A 238 17.11 -29.12 4.87
N LYS A 239 18.03 -29.65 4.05
CA LYS A 239 19.41 -30.00 4.47
C LYS A 239 20.25 -28.72 4.54
N MET A 240 20.16 -27.88 3.50
CA MET A 240 20.86 -26.57 3.42
C MET A 240 20.52 -25.71 4.65
N CYS A 241 19.28 -25.74 5.11
CA CYS A 241 18.83 -24.97 6.30
C CYS A 241 19.50 -25.55 7.55
N ILE A 242 19.54 -26.88 7.68
CA ILE A 242 20.26 -27.61 8.77
C ILE A 242 21.74 -27.21 8.72
N ASP A 243 22.35 -27.22 7.53
CA ASP A 243 23.78 -26.83 7.39
C ASP A 243 23.93 -25.36 7.79
N ALA A 244 23.03 -24.50 7.31
CA ALA A 244 23.12 -23.03 7.48
C ALA A 244 23.05 -22.60 8.95
N PHE A 245 22.28 -23.30 9.81
CA PHE A 245 21.86 -22.77 11.13
C PHE A 245 22.01 -23.79 12.27
N ARG A 246 22.68 -24.93 12.06
CA ARG A 246 22.95 -25.93 13.12
C ARG A 246 23.80 -25.26 14.22
N ASP A 247 23.42 -25.50 15.48
CA ASP A 247 24.18 -25.06 16.70
C ASP A 247 24.43 -23.54 16.68
N SER A 248 23.71 -22.78 15.87
CA SER A 248 23.88 -21.31 15.73
C SER A 248 23.07 -20.60 16.82
N SER A 249 23.22 -19.28 16.87
CA SER A 249 22.44 -18.33 17.72
C SER A 249 20.97 -18.72 17.68
N TRP A 250 20.49 -19.00 16.48
CA TRP A 250 19.06 -19.28 16.15
C TRP A 250 18.60 -20.58 16.80
N GLN A 251 17.47 -20.54 17.51
CA GLN A 251 16.55 -21.70 17.66
C GLN A 251 15.66 -21.74 16.41
N VAL A 252 15.57 -22.90 15.75
CA VAL A 252 14.93 -23.09 14.41
C VAL A 252 13.83 -24.12 14.51
N ILE A 253 12.65 -23.82 13.98
CA ILE A 253 11.50 -24.76 13.85
C ILE A 253 11.20 -24.87 12.35
N MET A 254 11.37 -26.06 11.78
CA MET A 254 11.27 -26.24 10.31
C MET A 254 10.20 -27.28 10.00
N SER A 255 9.17 -26.89 9.22
CA SER A 255 8.11 -27.80 8.71
C SER A 255 8.56 -28.33 7.34
N VAL A 256 8.61 -29.66 7.19
CA VAL A 256 9.17 -30.35 5.99
C VAL A 256 8.03 -30.89 5.10
N GLY A 257 6.78 -30.78 5.56
CA GLY A 257 5.62 -31.23 4.80
C GLY A 257 5.48 -32.73 4.91
N LYS A 258 4.55 -33.31 4.14
CA LYS A 258 4.20 -34.75 4.27
C LYS A 258 4.97 -35.55 3.21
N SER A 259 5.91 -34.93 2.51
CA SER A 259 6.70 -35.55 1.41
C SER A 259 8.00 -36.16 1.95
N ILE A 260 8.30 -35.96 3.24
CA ILE A 260 9.69 -36.04 3.78
C ILE A 260 9.67 -36.48 5.25
N ASP A 261 10.64 -37.34 5.61
CA ASP A 261 10.79 -37.96 6.95
C ASP A 261 11.84 -37.15 7.70
N PRO A 262 11.52 -36.59 8.90
CA PRO A 262 12.52 -35.95 9.76
C PRO A 262 13.72 -36.83 10.14
N GLU A 263 13.60 -38.15 9.91
CA GLU A 263 14.65 -39.18 10.13
C GLU A 263 15.47 -39.37 8.84
N SER A 264 14.88 -39.10 7.68
CA SER A 264 15.50 -39.24 6.33
C SER A 264 16.58 -38.18 6.10
N LEU A 265 16.60 -37.10 6.91
CA LEU A 265 17.56 -35.98 6.79
C LEU A 265 18.89 -36.39 7.43
N ASP A 266 19.82 -35.44 7.54
CA ASP A 266 20.90 -35.46 8.55
C ASP A 266 20.22 -35.41 9.93
N ASP A 267 20.85 -35.99 10.97
CA ASP A 267 20.34 -36.00 12.36
C ASP A 267 20.07 -34.55 12.83
N THR A 268 18.96 -34.36 13.54
CA THR A 268 18.37 -33.04 13.89
C THR A 268 19.21 -32.34 14.95
N PRO A 269 19.85 -31.18 14.64
CA PRO A 269 20.55 -30.37 15.63
C PRO A 269 19.75 -30.11 16.92
N ALA A 270 20.47 -29.86 18.02
CA ALA A 270 19.88 -29.59 19.37
C ALA A 270 19.04 -28.31 19.29
N ASN A 271 19.47 -27.34 18.46
CA ASN A 271 18.82 -26.00 18.28
C ASN A 271 17.60 -26.09 17.35
N PHE A 272 17.55 -27.09 16.47
CA PHE A 272 16.38 -27.33 15.58
C PHE A 272 15.30 -28.17 16.27
N THR A 273 14.04 -27.84 16.01
CA THR A 273 12.88 -28.76 16.00
C THR A 273 12.48 -28.98 14.54
N ILE A 274 12.31 -30.23 14.12
CA ILE A 274 11.90 -30.61 12.73
C ILE A 274 10.61 -31.44 12.82
N ARG A 275 9.52 -30.98 12.20
CA ARG A 275 8.27 -31.75 12.01
C ARG A 275 7.79 -31.71 10.56
N GLN A 276 6.81 -32.54 10.24
CA GLN A 276 6.09 -32.51 8.94
C GLN A 276 5.17 -31.28 8.92
N SER A 277 4.66 -30.91 10.08
CA SER A 277 3.59 -29.89 10.28
C SER A 277 3.74 -29.24 11.65
N VAL A 278 3.63 -27.91 11.71
CA VAL A 278 3.70 -27.12 12.97
C VAL A 278 2.45 -26.27 13.09
N PRO A 279 2.14 -25.76 14.31
CA PRO A 279 1.09 -24.76 14.48
C PRO A 279 1.64 -23.36 14.13
N GLN A 280 1.58 -23.02 12.85
CA GLN A 280 2.29 -21.87 12.24
C GLN A 280 1.88 -20.59 12.98
N LEU A 281 0.61 -20.42 13.35
CA LEU A 281 0.11 -19.18 14.01
C LEU A 281 0.75 -19.03 15.40
N GLU A 282 0.90 -20.16 16.11
CA GLU A 282 1.52 -20.21 17.45
C GLU A 282 3.01 -19.88 17.33
N VAL A 283 3.73 -20.53 16.41
CA VAL A 283 5.19 -20.30 16.18
C VAL A 283 5.44 -18.81 15.85
N LEU A 284 4.63 -18.19 14.99
CA LEU A 284 4.87 -16.79 14.54
C LEU A 284 4.60 -15.82 15.71
N ALA A 285 3.77 -16.24 16.68
CA ALA A 285 3.58 -15.49 17.94
C ALA A 285 4.91 -15.40 18.70
N LYS A 286 5.90 -16.26 18.40
CA LYS A 286 7.24 -16.26 19.05
C LYS A 286 8.39 -16.10 18.04
N ALA A 287 8.13 -16.14 16.74
CA ALA A 287 9.18 -16.13 15.68
C ALA A 287 9.79 -14.73 15.58
N ASP A 288 11.10 -14.68 15.33
CA ASP A 288 11.86 -13.43 15.08
C ASP A 288 12.18 -13.32 13.59
N LEU A 289 11.94 -14.39 12.84
CA LEU A 289 12.17 -14.46 11.36
C LEU A 289 11.48 -15.71 10.81
N PHE A 290 11.01 -15.63 9.58
CA PHE A 290 10.27 -16.71 8.87
C PHE A 290 10.88 -16.84 7.49
N ILE A 291 11.52 -17.97 7.23
CA ILE A 291 11.95 -18.35 5.86
C ILE A 291 10.74 -19.08 5.26
N SER A 292 10.17 -18.47 4.23
CA SER A 292 8.82 -18.83 3.70
C SER A 292 8.90 -18.82 2.18
N HIS A 293 7.90 -19.40 1.52
CA HIS A 293 7.86 -19.60 0.06
C HIS A 293 7.00 -18.52 -0.61
N GLY A 294 6.39 -17.62 0.17
CA GLY A 294 5.57 -16.52 -0.38
C GLY A 294 4.16 -17.00 -0.77
N GLY A 295 3.69 -18.04 -0.10
CA GLY A 295 2.24 -18.30 -0.01
C GLY A 295 1.54 -17.12 0.60
N MET A 296 0.36 -16.75 0.09
CA MET A 296 -0.37 -15.57 0.59
C MET A 296 -0.70 -15.75 2.07
N ASN A 297 -1.14 -16.93 2.47
CA ASN A 297 -1.48 -17.15 3.91
C ASN A 297 -0.24 -16.87 4.76
N SER A 298 0.87 -17.51 4.41
CA SER A 298 2.14 -17.38 5.16
C SER A 298 2.54 -15.90 5.16
N THR A 299 2.55 -15.23 4.00
CA THR A 299 3.00 -13.81 3.89
C THR A 299 2.14 -12.94 4.81
N MET A 300 0.82 -13.16 4.82
CA MET A 300 -0.15 -12.38 5.65
C MET A 300 -0.07 -12.81 7.11
N GLU A 301 0.13 -14.10 7.39
CA GLU A 301 0.23 -14.60 8.79
C GLU A 301 1.50 -14.04 9.44
N ALA A 302 2.54 -13.84 8.62
CA ALA A 302 3.83 -13.27 9.05
C ALA A 302 3.58 -11.82 9.44
N MET A 303 3.03 -11.03 8.53
CA MET A 303 2.78 -9.57 8.75
C MET A 303 1.81 -9.43 9.94
N ASN A 304 0.81 -10.29 10.06
CA ASN A 304 -0.09 -10.33 11.24
C ASN A 304 0.71 -10.57 12.55
N ALA A 305 1.95 -11.03 12.52
CA ALA A 305 2.72 -11.36 13.75
C ALA A 305 3.97 -10.48 13.90
N GLY A 306 4.19 -9.55 12.99
CA GLY A 306 5.35 -8.64 12.96
C GLY A 306 6.65 -9.36 12.64
N VAL A 307 6.61 -10.34 11.75
CA VAL A 307 7.73 -11.30 11.55
C VAL A 307 8.36 -11.06 10.19
N PRO A 308 9.64 -10.65 10.14
CA PRO A 308 10.32 -10.43 8.85
C PRO A 308 10.36 -11.72 8.02
N LEU A 309 10.65 -11.59 6.73
CA LEU A 309 10.47 -12.69 5.74
C LEU A 309 11.72 -12.84 4.86
N VAL A 310 12.27 -14.05 4.82
CA VAL A 310 13.06 -14.50 3.64
C VAL A 310 12.07 -15.33 2.80
N VAL A 311 11.85 -14.90 1.56
CA VAL A 311 10.83 -15.48 0.65
C VAL A 311 11.57 -16.25 -0.46
N ILE A 312 11.38 -17.57 -0.50
CA ILE A 312 11.98 -18.49 -1.51
C ILE A 312 10.85 -19.11 -2.31
N PRO A 313 10.38 -18.44 -3.38
CA PRO A 313 9.16 -18.85 -4.05
C PRO A 313 9.37 -20.03 -5.00
N GLN A 314 8.34 -20.86 -5.13
CA GLN A 314 8.36 -22.12 -5.93
C GLN A 314 7.64 -21.91 -7.27
N MET A 315 6.64 -21.03 -7.34
CA MET A 315 5.68 -20.91 -8.48
C MET A 315 5.55 -19.43 -8.88
N TYR A 316 4.85 -19.13 -9.97
CA TYR A 316 4.67 -17.74 -10.43
C TYR A 316 3.93 -16.94 -9.35
N GLU A 317 2.74 -17.39 -8.97
CA GLU A 317 1.91 -16.73 -7.93
C GLU A 317 2.83 -16.27 -6.78
N GLN A 318 3.78 -17.13 -6.40
CA GLN A 318 4.61 -16.97 -5.18
C GLN A 318 5.73 -15.95 -5.45
N GLU A 319 6.30 -15.95 -6.67
CA GLU A 319 7.34 -14.97 -7.11
C GLU A 319 6.74 -13.57 -7.12
N LEU A 320 5.49 -13.41 -7.55
CA LEU A 320 4.79 -12.10 -7.45
C LEU A 320 4.83 -11.67 -5.99
N THR A 321 4.32 -12.50 -5.09
CA THR A 321 4.33 -12.20 -3.65
C THR A 321 5.77 -11.97 -3.18
N ALA A 322 6.77 -12.64 -3.76
CA ALA A 322 8.19 -12.53 -3.36
C ALA A 322 8.77 -11.17 -3.77
N LYS A 323 8.70 -10.80 -5.05
CA LYS A 323 9.02 -9.43 -5.55
C LYS A 323 8.32 -8.40 -4.63
N ARG A 324 7.01 -8.55 -4.44
CA ARG A 324 6.15 -7.59 -3.68
C ARG A 324 6.75 -7.36 -2.30
N VAL A 325 7.06 -8.42 -1.55
CA VAL A 325 7.66 -8.34 -0.17
C VAL A 325 8.95 -7.50 -0.25
N ASP A 326 9.78 -7.70 -1.27
CA ASP A 326 11.03 -6.92 -1.45
C ASP A 326 10.63 -5.47 -1.71
N GLU A 327 9.91 -5.21 -2.79
CA GLU A 327 9.49 -3.85 -3.22
C GLU A 327 8.94 -3.07 -2.02
N LEU A 328 8.08 -3.69 -1.19
CA LEU A 328 7.46 -3.07 0.01
C LEU A 328 8.43 -3.17 1.20
N GLY A 329 9.66 -3.61 0.98
CA GLY A 329 10.68 -3.78 2.03
C GLY A 329 10.13 -4.40 3.30
N LEU A 330 9.50 -5.57 3.17
CA LEU A 330 8.95 -6.35 4.31
C LEU A 330 9.81 -7.59 4.57
N GLY A 331 10.90 -7.72 3.80
CA GLY A 331 11.93 -8.76 3.93
C GLY A 331 12.64 -8.92 2.60
N VAL A 332 13.34 -10.03 2.40
CA VAL A 332 14.22 -10.26 1.22
C VAL A 332 13.63 -11.35 0.32
N TYR A 333 13.77 -11.16 -0.99
CA TYR A 333 13.54 -12.16 -2.08
C TYR A 333 14.85 -12.91 -2.35
N LEU A 334 14.91 -14.17 -1.93
CA LEU A 334 15.95 -15.17 -2.31
C LEU A 334 15.33 -16.15 -3.33
N GLN A 335 15.82 -16.18 -4.56
CA GLN A 335 15.36 -17.11 -5.63
C GLN A 335 15.86 -18.51 -5.30
N ARG A 336 15.14 -19.55 -5.72
CA ARG A 336 15.68 -20.92 -5.65
C ARG A 336 16.57 -21.13 -6.89
N GLU A 337 17.40 -22.15 -6.88
CA GLU A 337 18.45 -22.35 -7.92
C GLU A 337 19.39 -21.13 -7.86
N GLU A 338 19.17 -20.23 -6.89
CA GLU A 338 20.20 -19.34 -6.26
C GLU A 338 20.33 -19.63 -4.75
N VAL A 339 19.59 -20.60 -4.21
CA VAL A 339 19.62 -20.93 -2.76
C VAL A 339 20.80 -21.88 -2.52
N THR A 340 21.80 -21.38 -1.80
CA THR A 340 22.99 -22.12 -1.29
C THR A 340 23.05 -21.86 0.22
N VAL A 341 23.88 -22.60 0.96
CA VAL A 341 24.00 -22.44 2.44
C VAL A 341 24.54 -21.04 2.78
N SER A 342 25.52 -20.55 2.03
CA SER A 342 26.08 -19.18 2.20
C SER A 342 24.96 -18.15 1.99
N LYS A 343 24.17 -18.27 0.91
CA LYS A 343 23.07 -17.34 0.53
C LYS A 343 21.91 -17.41 1.56
N LEU A 344 21.51 -18.59 2.03
CA LEU A 344 20.57 -18.70 3.16
C LEU A 344 21.09 -17.88 4.35
N GLN A 345 22.38 -17.92 4.63
CA GLN A 345 22.97 -17.25 5.81
C GLN A 345 22.95 -15.73 5.60
N GLU A 346 23.43 -15.27 4.43
CA GLU A 346 23.51 -13.85 4.02
C GLU A 346 22.15 -13.18 4.23
N ALA A 347 21.07 -13.83 3.77
CA ALA A 347 19.68 -13.32 3.79
C ALA A 347 19.17 -13.27 5.22
N VAL A 348 19.28 -14.35 5.99
CA VAL A 348 18.87 -14.34 7.43
C VAL A 348 19.65 -13.23 8.13
N GLN A 349 20.92 -13.06 7.77
CA GLN A 349 21.76 -11.98 8.36
C GLN A 349 21.13 -10.66 7.93
N ALA A 350 21.07 -10.39 6.63
CA ALA A 350 20.61 -9.10 6.06
C ALA A 350 19.23 -8.68 6.63
N VAL A 351 18.35 -9.63 6.98
CA VAL A 351 16.94 -9.33 7.37
C VAL A 351 16.84 -9.16 8.89
N SER A 352 17.31 -10.14 9.67
CA SER A 352 17.53 -9.96 11.13
C SER A 352 18.51 -8.80 11.27
N GLY A 353 18.37 -7.98 12.30
CA GLY A 353 19.19 -6.75 12.43
C GLY A 353 19.21 -5.95 11.13
N ASP A 354 18.01 -5.65 10.58
CA ASP A 354 17.70 -4.42 9.80
C ASP A 354 16.52 -3.77 10.51
N GLN A 355 16.78 -3.05 11.61
CA GLN A 355 15.77 -2.39 12.47
C GLN A 355 14.79 -1.57 11.61
N GLU A 356 15.27 -0.95 10.53
CA GLU A 356 14.40 -0.13 9.64
C GLU A 356 13.37 -1.07 9.01
N LEU A 357 13.83 -2.19 8.47
CA LEU A 357 12.99 -3.23 7.82
C LEU A 357 11.95 -3.75 8.83
N LEU A 358 12.36 -4.02 10.08
CA LEU A 358 11.51 -4.59 11.17
C LEU A 358 10.38 -3.59 11.48
N SER A 359 10.69 -2.30 11.48
CA SER A 359 9.71 -1.21 11.74
C SER A 359 8.66 -1.17 10.62
N ARG A 360 9.05 -1.49 9.37
CA ARG A 360 8.16 -1.55 8.18
C ARG A 360 7.11 -2.67 8.38
N VAL A 361 7.51 -3.83 8.90
CA VAL A 361 6.58 -4.98 9.08
C VAL A 361 5.80 -4.80 10.39
N LYS A 362 6.33 -4.01 11.32
CA LYS A 362 5.60 -3.69 12.58
C LYS A 362 4.38 -2.84 12.25
N SER A 363 4.45 -2.05 11.17
CA SER A 363 3.36 -1.15 10.73
C SER A 363 2.44 -1.90 9.75
N MET A 364 2.98 -2.89 9.03
CA MET A 364 2.17 -3.85 8.23
C MET A 364 1.36 -4.70 9.20
N GLN A 365 1.93 -5.07 10.35
CA GLN A 365 1.16 -5.77 11.41
C GLN A 365 -0.12 -5.00 11.71
N LYS A 366 -0.02 -3.69 11.96
CA LYS A 366 -1.16 -2.77 12.18
C LYS A 366 -2.01 -2.71 10.92
N ASP A 367 -1.43 -2.31 9.78
CA ASP A 367 -2.13 -2.11 8.48
C ASP A 367 -2.93 -3.42 8.16
N VAL A 368 -2.39 -4.64 8.39
CA VAL A 368 -3.13 -5.93 8.13
C VAL A 368 -4.24 -6.15 9.17
N LYS A 369 -4.02 -5.85 10.46
CA LYS A 369 -5.13 -5.96 11.46
C LYS A 369 -6.15 -4.81 11.30
N GLU A 370 -5.78 -3.62 10.84
CA GLU A 370 -6.73 -2.48 10.69
C GLU A 370 -7.83 -2.90 9.71
N ALA A 371 -7.47 -3.68 8.67
CA ALA A 371 -8.45 -4.25 7.70
C ALA A 371 -9.41 -5.12 8.50
N GLY A 372 -10.41 -5.67 7.83
CA GLY A 372 -11.53 -6.33 8.54
C GLY A 372 -11.11 -7.50 9.41
N GLY A 373 -10.49 -8.52 8.82
CA GLY A 373 -10.43 -9.88 9.37
C GLY A 373 -11.62 -10.71 8.92
N ALA A 374 -11.86 -11.83 9.60
CA ALA A 374 -13.05 -12.69 9.40
C ALA A 374 -14.30 -11.91 9.80
N GLU A 375 -14.23 -11.13 10.88
CA GLU A 375 -15.39 -10.33 11.38
C GLU A 375 -15.93 -9.44 10.25
N ARG A 376 -15.12 -8.53 9.69
CA ARG A 376 -15.55 -7.61 8.60
C ARG A 376 -16.16 -8.40 7.44
N ALA A 377 -15.54 -9.53 7.06
CA ALA A 377 -15.96 -10.35 5.90
C ALA A 377 -17.36 -10.92 6.18
N ALA A 378 -17.64 -11.31 7.42
CA ALA A 378 -18.92 -11.92 7.84
C ALA A 378 -19.99 -10.83 7.88
N ALA A 379 -19.58 -9.61 8.21
CA ALA A 379 -20.41 -8.38 8.15
C ALA A 379 -20.69 -8.03 6.69
N GLU A 380 -19.67 -8.06 5.84
CA GLU A 380 -19.82 -7.69 4.42
C GLU A 380 -20.68 -8.77 3.75
N ILE A 381 -20.76 -9.95 4.35
CA ILE A 381 -21.48 -11.12 3.77
C ILE A 381 -22.97 -11.00 4.11
N GLU A 382 -23.27 -10.92 5.40
CA GLU A 382 -24.65 -10.85 5.95
C GLU A 382 -25.38 -9.63 5.37
N ALA A 383 -24.70 -8.48 5.35
CA ALA A 383 -25.15 -7.22 4.68
C ALA A 383 -25.48 -7.46 3.20
N PHE A 384 -24.65 -8.21 2.49
CA PHE A 384 -24.90 -8.65 1.08
C PHE A 384 -26.10 -9.59 1.02
N MET A 385 -26.37 -10.36 2.09
CA MET A 385 -27.55 -11.27 2.17
C MET A 385 -28.84 -10.42 2.20
N LYS A 386 -28.94 -9.50 3.17
CA LYS A 386 -30.07 -8.55 3.36
C LYS A 386 -30.39 -7.81 2.05
N LYS A 387 -29.38 -7.17 1.46
CA LYS A 387 -29.46 -6.39 0.19
C LYS A 387 -29.94 -7.29 -0.96
N SER A 388 -29.21 -8.35 -1.30
CA SER A 388 -29.36 -9.15 -2.55
C SER A 388 -30.62 -10.05 -2.50
N HIS B 4 29.73 21.70 11.55
CA HIS B 4 29.64 21.67 10.05
C HIS B 4 28.45 22.57 9.61
N HIS B 5 28.44 23.05 8.36
CA HIS B 5 27.60 24.18 7.87
C HIS B 5 26.75 23.79 6.65
N ILE B 6 25.43 23.70 6.85
CA ILE B 6 24.44 23.24 5.83
C ILE B 6 23.86 24.46 5.10
N SER B 7 23.83 24.41 3.77
CA SER B 7 23.18 25.39 2.87
C SER B 7 21.84 24.82 2.37
N MET B 8 20.82 25.68 2.25
CA MET B 8 19.51 25.31 1.64
C MET B 8 19.24 26.26 0.47
N ILE B 9 19.24 25.73 -0.75
CA ILE B 9 18.91 26.49 -1.99
C ILE B 9 17.51 26.08 -2.43
N ASN B 10 16.62 27.05 -2.53
CA ASN B 10 15.18 26.83 -2.80
C ASN B 10 14.65 27.91 -3.73
N ILE B 11 13.58 27.59 -4.46
CA ILE B 11 12.78 28.62 -5.18
C ILE B 11 11.96 29.36 -4.14
N PRO B 12 11.28 30.47 -4.50
CA PRO B 12 10.57 31.30 -3.52
C PRO B 12 9.04 31.08 -3.49
N ALA B 13 8.60 29.86 -3.21
CA ALA B 13 7.16 29.48 -3.19
C ALA B 13 6.87 28.80 -1.85
N TYR B 14 5.74 29.09 -1.21
CA TYR B 14 5.38 28.48 0.09
C TYR B 14 5.33 26.95 -0.05
N GLY B 15 4.81 26.47 -1.19
CA GLY B 15 4.58 25.03 -1.43
C GLY B 15 5.89 24.27 -1.52
N HIS B 16 6.92 24.93 -2.00
CA HIS B 16 8.23 24.26 -2.19
C HIS B 16 9.24 24.89 -1.24
N VAL B 17 8.83 25.16 0.00
CA VAL B 17 9.73 25.80 1.01
C VAL B 17 9.26 25.38 2.40
N ASN B 18 7.99 25.66 2.71
CA ASN B 18 7.44 25.37 4.06
C ASN B 18 8.02 24.07 4.63
N PRO B 19 7.97 22.91 3.94
CA PRO B 19 8.56 21.68 4.49
C PRO B 19 9.96 21.85 5.10
N THR B 20 10.81 22.69 4.49
CA THR B 20 12.21 22.98 4.92
C THR B 20 12.26 23.62 6.33
N LEU B 21 11.22 24.33 6.77
CA LEU B 21 11.34 25.18 7.99
C LEU B 21 11.61 24.30 9.20
N ALA B 22 10.82 23.23 9.40
CA ALA B 22 10.97 22.31 10.56
C ALA B 22 12.27 21.51 10.41
N LEU B 23 12.79 21.42 9.20
CA LEU B 23 14.07 20.75 8.88
C LEU B 23 15.21 21.64 9.40
N VAL B 24 15.15 22.94 9.07
CA VAL B 24 16.09 24.01 9.52
C VAL B 24 16.13 24.02 11.04
N GLU B 25 14.96 24.13 11.69
CA GLU B 25 14.82 24.14 13.17
C GLU B 25 15.49 22.91 13.77
N LYS B 26 15.39 21.74 13.12
CA LYS B 26 15.87 20.41 13.63
C LYS B 26 17.38 20.25 13.45
N LEU B 27 17.93 20.81 12.38
CA LEU B 27 19.39 20.85 12.12
C LEU B 27 20.05 21.83 13.11
N CYS B 28 19.47 23.02 13.33
CA CYS B 28 19.96 24.04 14.31
C CYS B 28 19.93 23.46 15.73
N GLU B 29 18.90 22.66 16.05
CA GLU B 29 18.70 22.00 17.37
C GLU B 29 19.77 20.93 17.60
N LYS B 30 20.52 20.56 16.55
CA LYS B 30 21.64 19.56 16.62
C LYS B 30 22.98 20.28 16.35
N GLY B 31 22.99 21.62 16.34
CA GLY B 31 24.20 22.46 16.45
C GLY B 31 24.99 22.61 15.16
N HIS B 32 24.33 22.60 13.99
CA HIS B 32 24.94 22.88 12.66
C HIS B 32 24.58 24.32 12.26
N ARG B 33 25.24 24.87 11.23
CA ARG B 33 25.05 26.27 10.78
C ARG B 33 24.29 26.29 9.45
N VAL B 34 23.02 26.69 9.48
CA VAL B 34 22.06 26.55 8.33
C VAL B 34 21.86 27.92 7.66
N THR B 35 22.25 28.01 6.40
CA THR B 35 22.18 29.23 5.55
C THR B 35 21.22 28.96 4.39
N TYR B 36 20.29 29.87 4.14
CA TYR B 36 19.12 29.62 3.25
C TYR B 36 19.03 30.71 2.18
N ALA B 37 19.49 30.39 0.97
CA ALA B 37 19.26 31.19 -0.25
C ALA B 37 17.76 31.19 -0.53
N THR B 38 17.13 32.37 -0.45
CA THR B 38 15.69 32.56 -0.72
C THR B 38 15.50 34.01 -1.18
N THR B 39 14.27 34.54 -1.14
CA THR B 39 13.95 35.96 -1.44
C THR B 39 13.46 36.63 -0.14
N GLU B 40 13.45 37.95 -0.11
CA GLU B 40 12.93 38.76 1.02
C GLU B 40 11.76 38.01 1.67
N GLU B 41 10.77 37.60 0.86
CA GLU B 41 9.42 37.12 1.30
C GLU B 41 9.53 36.09 2.43
N PHE B 42 10.51 35.19 2.35
CA PHE B 42 10.60 33.98 3.21
C PHE B 42 11.71 34.13 4.24
N ALA B 43 12.53 35.19 4.13
CA ALA B 43 13.60 35.53 5.08
C ALA B 43 13.07 35.43 6.51
N PRO B 44 11.90 36.03 6.84
CA PRO B 44 11.37 35.99 8.21
C PRO B 44 11.08 34.55 8.69
N ALA B 45 10.42 33.74 7.84
CA ALA B 45 10.13 32.31 8.08
C ALA B 45 11.44 31.57 8.39
N VAL B 46 12.43 31.71 7.51
CA VAL B 46 13.77 31.04 7.63
C VAL B 46 14.42 31.46 8.95
N GLN B 47 14.52 32.77 9.19
CA GLN B 47 15.19 33.37 10.38
C GLN B 47 14.59 32.72 11.63
N GLN B 48 13.27 32.84 11.77
CA GLN B 48 12.47 32.29 12.89
C GLN B 48 12.96 30.86 13.18
N ALA B 49 13.16 30.04 12.14
CA ALA B 49 13.52 28.60 12.23
C ALA B 49 14.96 28.41 12.69
N GLY B 50 15.78 29.46 12.66
CA GLY B 50 17.20 29.46 13.07
C GLY B 50 18.12 29.61 11.87
N GLY B 51 17.56 29.83 10.68
CA GLY B 51 18.33 29.90 9.43
C GLY B 51 18.91 31.28 9.24
N GLU B 52 20.03 31.37 8.50
CA GLU B 52 20.63 32.65 8.04
C GLU B 52 20.10 32.92 6.62
N ALA B 53 19.13 33.81 6.47
CA ALA B 53 18.53 34.18 5.17
C ALA B 53 19.62 34.79 4.27
N LEU B 54 19.76 34.33 3.02
CA LEU B 54 20.74 34.90 2.04
C LEU B 54 20.01 35.26 0.75
N ILE B 55 19.55 36.50 0.64
CA ILE B 55 18.55 36.87 -0.40
C ILE B 55 19.22 36.83 -1.78
N TYR B 56 18.52 36.31 -2.78
CA TYR B 56 18.82 36.49 -4.22
C TYR B 56 17.66 37.26 -4.83
N HIS B 57 17.86 37.80 -6.03
CA HIS B 57 16.84 38.59 -6.79
C HIS B 57 16.53 37.80 -8.08
N THR B 58 15.26 37.68 -8.45
CA THR B 58 14.81 36.82 -9.58
C THR B 58 14.30 37.72 -10.71
N LEU B 80 12.95 27.45 -20.84
CA LEU B 80 11.78 27.62 -19.92
C LEU B 80 12.25 28.29 -18.62
N LEU B 81 13.34 27.81 -18.00
CA LEU B 81 13.86 28.34 -16.71
C LEU B 81 15.34 28.71 -16.86
N LYS B 82 15.60 29.98 -17.21
CA LYS B 82 16.96 30.59 -17.19
C LYS B 82 17.20 31.24 -15.82
N GLU B 83 16.16 31.34 -14.98
CA GLU B 83 16.28 31.90 -13.60
C GLU B 83 17.23 31.04 -12.76
N SER B 84 17.43 29.77 -13.14
CA SER B 84 18.58 28.95 -12.69
C SER B 84 19.85 29.75 -12.97
N LEU B 85 20.18 29.92 -14.25
CA LEU B 85 21.37 30.66 -14.75
C LEU B 85 21.48 32.02 -14.03
N SER B 86 20.36 32.71 -13.81
CA SER B 86 20.28 34.04 -13.13
C SER B 86 20.77 33.91 -11.68
N ILE B 87 20.33 32.87 -10.97
CA ILE B 87 20.55 32.72 -9.50
C ILE B 87 21.95 32.14 -9.24
N LEU B 88 22.46 31.31 -10.15
CA LEU B 88 23.76 30.58 -10.01
C LEU B 88 24.89 31.55 -9.65
N PRO B 89 25.08 32.67 -10.40
CA PRO B 89 26.16 33.62 -10.07
C PRO B 89 26.03 34.28 -8.69
N GLN B 90 24.79 34.53 -8.24
CA GLN B 90 24.50 35.26 -6.98
C GLN B 90 24.88 34.39 -5.76
N LEU B 91 24.55 33.09 -5.77
CA LEU B 91 24.87 32.23 -4.59
C LEU B 91 26.37 31.92 -4.59
N GLU B 92 27.01 31.92 -5.77
CA GLU B 92 28.49 31.81 -5.90
C GLU B 92 29.11 33.00 -5.18
N GLU B 93 28.58 34.20 -5.42
CA GLU B 93 28.92 35.46 -4.72
C GLU B 93 28.49 35.36 -3.25
N LEU B 94 27.24 34.99 -2.97
CA LEU B 94 26.64 34.95 -1.60
C LEU B 94 27.46 34.03 -0.68
N TYR B 95 28.09 32.99 -1.23
CA TYR B 95 28.85 31.95 -0.48
C TYR B 95 30.36 32.06 -0.75
N LYS B 96 30.79 32.98 -1.64
CA LYS B 96 32.16 33.05 -2.23
C LYS B 96 33.23 32.93 -1.13
N ASP B 97 33.12 33.73 -0.06
CA ASP B 97 34.09 33.82 1.05
C ASP B 97 33.56 32.96 2.21
N ASP B 98 32.67 32.02 1.90
CA ASP B 98 31.89 31.24 2.89
C ASP B 98 31.48 29.88 2.30
N GLN B 99 32.36 29.26 1.52
CA GLN B 99 32.14 27.94 0.86
C GLN B 99 31.42 27.04 1.86
N PRO B 100 30.26 26.42 1.50
CA PRO B 100 29.47 25.62 2.45
C PRO B 100 29.70 24.10 2.41
N ASP B 101 29.52 23.40 3.54
CA ASP B 101 29.84 21.95 3.70
C ASP B 101 28.86 21.06 2.93
N LEU B 102 27.56 21.29 3.07
CA LEU B 102 26.49 20.47 2.45
C LEU B 102 25.47 21.38 1.76
N ILE B 103 25.14 21.07 0.50
CA ILE B 103 24.00 21.70 -0.24
C ILE B 103 22.81 20.75 -0.17
N ILE B 104 21.63 21.33 0.08
CA ILE B 104 20.29 20.67 0.09
C ILE B 104 19.37 21.56 -0.76
N TYR B 105 18.79 21.06 -1.84
CA TYR B 105 17.98 21.88 -2.78
C TYR B 105 16.61 21.24 -3.11
N ASP B 106 15.56 22.07 -3.13
CA ASP B 106 14.23 21.73 -3.69
C ASP B 106 14.44 21.37 -5.16
N PHE B 107 13.86 20.26 -5.61
CA PHE B 107 14.05 19.68 -6.97
C PHE B 107 13.91 20.76 -8.06
N VAL B 108 13.16 21.84 -7.84
CA VAL B 108 12.93 22.90 -8.86
C VAL B 108 14.06 23.95 -8.82
N ALA B 109 14.70 24.13 -7.65
CA ALA B 109 15.88 25.02 -7.47
C ALA B 109 17.13 24.34 -8.04
N LEU B 110 17.14 24.09 -9.35
CA LEU B 110 18.27 23.36 -9.98
C LEU B 110 18.78 24.79 -9.82
N ALA B 111 20.09 24.96 -9.65
CA ALA B 111 20.66 26.32 -9.57
C ALA B 111 21.55 25.63 -8.54
N GLY B 112 20.96 25.26 -7.41
CA GLY B 112 21.74 24.60 -6.34
C GLY B 112 22.43 23.35 -6.83
N LYS B 113 21.70 22.53 -7.61
CA LYS B 113 22.32 21.32 -8.18
C LYS B 113 22.88 22.18 -9.32
N LEU B 114 24.20 22.25 -9.40
CA LEU B 114 24.84 23.02 -10.48
C LEU B 114 25.82 23.42 -9.37
N PHE B 115 25.44 24.43 -8.59
CA PHE B 115 26.35 24.91 -7.52
C PHE B 115 27.17 23.73 -7.01
N ALA B 116 26.51 22.71 -6.49
CA ALA B 116 27.23 21.56 -5.93
C ALA B 116 27.85 20.76 -7.07
N ASP B 117 27.07 20.49 -8.12
CA ASP B 117 27.57 19.70 -9.25
C ASP B 117 28.67 20.50 -9.96
N LYS B 118 29.02 21.67 -9.41
CA LYS B 118 30.13 22.48 -9.98
C LYS B 118 31.04 22.91 -8.83
N LEU B 119 30.84 22.33 -7.65
CA LEU B 119 31.70 22.66 -6.48
C LEU B 119 32.07 21.36 -5.77
N ASN B 120 31.74 20.21 -6.37
CA ASN B 120 32.10 18.89 -5.79
C ASN B 120 31.80 18.85 -4.29
N VAL B 121 30.75 19.54 -3.84
CA VAL B 121 30.33 19.45 -2.41
C VAL B 121 29.23 18.40 -2.34
N PRO B 122 29.10 17.60 -1.27
CA PRO B 122 27.98 16.65 -1.19
C PRO B 122 26.62 17.33 -1.35
N VAL B 123 25.66 16.66 -1.99
CA VAL B 123 24.30 17.20 -2.26
C VAL B 123 23.24 16.18 -1.82
N ILE B 124 22.23 16.68 -1.10
CA ILE B 124 20.89 16.06 -0.92
C ILE B 124 19.88 16.84 -1.77
N LYS B 125 18.85 16.15 -2.26
CA LYS B 125 17.73 16.73 -3.06
C LYS B 125 16.46 16.59 -2.22
N LEU B 126 15.60 17.59 -2.24
CA LEU B 126 14.27 17.57 -1.56
C LEU B 126 13.18 17.63 -2.63
N CYS B 127 12.36 16.60 -2.71
CA CYS B 127 11.23 16.61 -3.66
C CYS B 127 9.96 17.01 -2.89
N SER B 128 9.53 18.26 -3.02
CA SER B 128 8.34 18.77 -2.28
C SER B 128 7.08 18.09 -2.82
N SER B 129 7.10 17.71 -4.10
CA SER B 129 5.95 17.03 -4.70
C SER B 129 6.28 15.55 -4.81
N TYR B 130 6.01 14.97 -5.97
CA TYR B 130 6.29 13.53 -6.17
C TYR B 130 7.73 13.36 -6.63
N ALA B 131 8.42 12.36 -6.08
CA ALA B 131 9.80 12.03 -6.52
C ALA B 131 9.71 11.37 -7.90
N GLN B 132 10.84 11.28 -8.61
CA GLN B 132 10.78 10.75 -10.00
C GLN B 132 11.89 9.73 -10.22
N ASN B 133 11.57 8.63 -10.90
CA ASN B 133 12.58 7.58 -11.20
C ASN B 133 12.59 7.38 -12.70
N GLU B 134 13.63 6.73 -13.23
CA GLU B 134 13.68 6.44 -14.68
C GLU B 134 12.32 5.87 -15.08
N SER B 135 11.74 5.01 -14.24
CA SER B 135 10.41 4.42 -14.52
C SER B 135 9.31 5.47 -14.30
N PHE B 136 9.47 6.34 -13.30
CA PHE B 136 8.38 7.29 -13.00
C PHE B 136 8.82 8.75 -13.16
N GLN B 137 8.44 9.39 -14.27
CA GLN B 137 8.69 10.85 -14.45
C GLN B 137 7.35 11.58 -14.43
N LEU B 138 7.38 12.86 -14.04
CA LEU B 138 6.22 13.62 -13.48
C LEU B 138 5.45 14.37 -14.57
N GLY B 139 6.05 14.59 -15.74
CA GLY B 139 5.39 15.20 -16.90
C GLY B 139 4.56 14.18 -17.66
N ASN B 140 3.58 14.64 -18.45
CA ASN B 140 2.82 13.78 -19.42
C ASN B 140 3.57 13.78 -20.75
N GLU B 141 3.22 12.86 -21.65
CA GLU B 141 3.98 12.51 -22.88
C GLU B 141 4.52 13.77 -23.57
N ASP B 142 3.66 14.76 -23.86
CA ASP B 142 4.02 16.00 -24.60
C ASP B 142 4.82 16.93 -23.68
N MET B 143 4.41 17.07 -22.42
CA MET B 143 5.08 17.95 -21.42
C MET B 143 6.53 17.46 -21.21
N LEU B 144 6.80 16.17 -21.39
CA LEU B 144 8.19 15.61 -21.36
C LEU B 144 8.73 15.49 -22.79
N LYS B 145 7.92 15.84 -23.80
CA LYS B 145 8.39 16.12 -25.18
C LYS B 145 8.61 17.63 -25.34
N LYS B 146 8.41 18.41 -24.26
CA LYS B 146 8.85 19.84 -24.16
C LYS B 146 10.27 19.88 -23.58
N ILE B 147 10.75 18.77 -23.01
CA ILE B 147 12.17 18.59 -22.56
C ILE B 147 13.00 18.11 -23.76
N LYS B 148 12.35 17.91 -24.92
CA LYS B 148 12.99 17.77 -26.26
C LYS B 148 13.44 19.15 -26.75
N GLU B 149 12.91 20.23 -26.17
CA GLU B 149 13.33 21.64 -26.44
C GLU B 149 14.39 22.08 -25.42
N ALA B 150 14.46 21.45 -24.24
CA ALA B 150 15.58 21.56 -23.28
C ALA B 150 16.80 20.81 -23.84
N GLU B 151 16.55 19.82 -24.70
CA GLU B 151 17.55 19.08 -25.52
C GLU B 151 18.00 19.98 -26.69
N ALA B 152 17.15 20.89 -27.17
CA ALA B 152 17.31 21.67 -28.42
C ALA B 152 18.01 23.00 -28.17
N GLU B 153 17.81 23.63 -27.00
CA GLU B 153 18.26 25.03 -26.71
C GLU B 153 19.39 25.00 -25.67
N PHE B 154 20.38 24.14 -25.86
CA PHE B 154 21.63 24.08 -25.04
C PHE B 154 22.45 25.35 -25.26
N LYS B 155 22.23 26.04 -26.39
CA LYS B 155 22.89 27.32 -26.76
C LYS B 155 22.86 28.29 -25.57
N ALA B 156 21.74 28.38 -24.86
CA ALA B 156 21.55 29.25 -23.67
C ALA B 156 20.35 28.76 -22.86
N PHE B 168 18.71 18.44 -21.05
CA PHE B 168 17.84 18.13 -19.89
C PHE B 168 18.43 16.98 -19.05
N GLU B 169 19.40 16.23 -19.58
CA GLU B 169 20.17 15.18 -18.83
C GLU B 169 20.61 15.75 -17.48
N GLN B 170 20.76 14.87 -16.47
CA GLN B 170 21.13 15.25 -15.08
C GLN B 170 20.14 16.31 -14.56
N LEU B 171 18.84 16.05 -14.72
CA LEU B 171 17.72 16.81 -14.07
C LEU B 171 16.83 15.80 -13.31
N ALA B 172 16.17 14.90 -14.03
CA ALA B 172 15.35 13.80 -13.47
C ALA B 172 16.26 12.67 -12.97
N VAL B 173 17.59 12.89 -12.95
CA VAL B 173 18.60 11.98 -12.33
C VAL B 173 18.61 12.25 -10.82
N PRO B 174 18.27 11.24 -9.97
CA PRO B 174 18.31 11.38 -8.52
C PRO B 174 19.72 11.47 -7.92
N GLU B 175 19.89 12.33 -6.92
CA GLU B 175 21.12 12.44 -6.09
C GLU B 175 21.30 11.19 -5.22
N ALA B 176 22.37 11.17 -4.42
CA ALA B 176 22.72 10.11 -3.46
C ALA B 176 21.57 9.94 -2.47
N LEU B 177 20.99 11.04 -2.04
CA LEU B 177 19.84 11.07 -1.09
C LEU B 177 18.79 12.04 -1.62
N ASN B 178 17.55 11.58 -1.71
CA ASN B 178 16.38 12.40 -2.05
C ASN B 178 15.36 12.19 -0.94
N ILE B 179 15.20 13.17 -0.05
CA ILE B 179 14.13 13.18 0.97
C ILE B 179 12.83 13.64 0.30
N VAL B 180 11.72 12.96 0.62
CA VAL B 180 10.37 13.20 0.04
C VAL B 180 9.40 13.38 1.21
N PHE B 181 8.53 14.40 1.14
CA PHE B 181 7.68 14.82 2.28
C PHE B 181 6.29 14.18 2.19
N MET B 182 6.24 12.90 1.77
CA MET B 182 5.05 12.01 1.80
C MET B 182 5.52 10.63 2.26
N PRO B 183 4.62 9.77 2.78
CA PRO B 183 5.00 8.41 3.17
C PRO B 183 5.13 7.59 1.88
N LYS B 184 6.05 6.63 1.84
CA LYS B 184 6.38 5.94 0.57
C LYS B 184 5.08 5.46 -0.08
N SER B 185 4.13 5.01 0.75
CA SER B 185 2.84 4.44 0.27
C SER B 185 2.14 5.40 -0.69
N PHE B 186 2.21 6.71 -0.43
CA PHE B 186 1.41 7.73 -1.16
C PHE B 186 2.07 8.04 -2.51
N GLN B 187 3.36 7.72 -2.65
CA GLN B 187 4.16 8.00 -3.87
C GLN B 187 3.73 7.05 -4.98
N ILE B 188 3.45 7.62 -6.15
CA ILE B 188 3.06 6.89 -7.40
C ILE B 188 4.21 5.96 -7.78
N GLN B 189 3.88 4.73 -8.18
CA GLN B 189 4.87 3.64 -8.45
C GLN B 189 5.81 3.55 -7.23
N HIS B 190 5.25 3.47 -6.01
CA HIS B 190 6.05 3.38 -4.76
C HIS B 190 7.22 2.42 -4.99
N GLU B 191 6.86 1.20 -5.37
CA GLU B 191 7.68 -0.03 -5.49
C GLU B 191 8.92 0.18 -6.38
N THR B 192 8.95 1.20 -7.26
CA THR B 192 10.10 1.46 -8.19
C THR B 192 11.22 2.25 -7.49
N PHE B 193 10.99 2.77 -6.29
CA PHE B 193 11.92 3.76 -5.67
C PHE B 193 12.91 3.02 -4.75
N ASP B 194 14.19 3.08 -5.14
CA ASP B 194 15.31 2.33 -4.50
C ASP B 194 15.84 3.15 -3.30
N ASP B 195 16.99 2.73 -2.75
CA ASP B 195 17.51 3.05 -1.38
C ASP B 195 17.92 4.53 -1.28
N ARG B 196 18.11 5.21 -2.41
CA ARG B 196 18.57 6.63 -2.48
C ARG B 196 17.35 7.58 -2.42
N PHE B 197 16.19 7.12 -1.93
CA PHE B 197 15.00 7.94 -1.63
C PHE B 197 14.46 7.62 -0.24
N CYS B 198 14.37 8.65 0.60
CA CYS B 198 13.86 8.59 1.98
C CYS B 198 12.49 9.27 2.07
N PHE B 199 11.40 8.51 2.14
CA PHE B 199 10.04 9.07 2.25
C PHE B 199 9.79 9.32 3.73
N VAL B 200 9.89 10.58 4.18
CA VAL B 200 9.80 10.92 5.63
C VAL B 200 8.39 11.42 5.98
N GLY B 201 7.46 11.47 5.02
CA GLY B 201 6.13 12.08 5.23
C GLY B 201 6.21 13.60 5.40
N PRO B 202 5.21 14.25 6.02
CA PRO B 202 5.18 15.71 6.14
C PRO B 202 6.24 16.25 7.12
N SER B 203 6.83 17.40 6.80
CA SER B 203 7.85 18.10 7.63
C SER B 203 7.25 19.38 8.22
N LEU B 204 6.47 19.22 9.28
CA LEU B 204 5.62 20.29 9.87
C LEU B 204 6.34 20.89 11.08
N GLY B 205 6.48 22.21 11.12
CA GLY B 205 7.01 22.95 12.28
C GLY B 205 5.99 23.93 12.81
N LYS B 206 6.46 24.90 13.59
CA LYS B 206 5.88 26.25 13.73
C LYS B 206 6.00 26.98 12.38
N ARG B 207 5.09 27.90 12.08
CA ARG B 207 5.10 28.54 10.74
C ARG B 207 5.24 30.06 10.85
N THR B 208 5.52 30.72 9.73
CA THR B 208 5.63 32.21 9.71
C THR B 208 4.43 32.80 10.46
N GLU B 209 4.67 33.37 11.63
CA GLU B 209 3.56 33.91 12.46
C GLU B 209 2.50 34.55 11.56
N GLN B 210 1.22 34.23 11.81
CA GLN B 210 0.12 34.87 11.06
C GLN B 210 -0.94 35.32 12.07
N GLU B 211 -1.53 36.50 11.89
CA GLU B 211 -2.62 36.95 12.79
C GLU B 211 -3.45 35.71 13.16
N SER B 212 -3.73 35.50 14.45
CA SER B 212 -4.36 34.24 14.94
C SER B 212 -5.78 34.15 14.41
N LEU B 213 -6.32 32.93 14.36
CA LEU B 213 -7.73 32.65 13.98
C LEU B 213 -8.31 31.83 15.14
N LEU B 214 -8.64 32.50 16.26
CA LEU B 214 -9.23 31.87 17.46
C LEU B 214 -10.50 31.11 17.01
N ILE B 215 -10.55 29.78 17.14
CA ILE B 215 -11.70 28.94 16.68
C ILE B 215 -12.40 28.37 17.90
N ASP B 216 -13.70 28.65 18.04
CA ASP B 216 -14.57 28.14 19.12
C ASP B 216 -15.88 27.73 18.47
N LYS B 217 -15.84 26.63 17.72
CA LYS B 217 -17.03 25.91 17.22
C LYS B 217 -17.63 25.14 18.40
N GLY B 218 -18.83 24.60 18.25
CA GLY B 218 -19.38 23.66 19.25
C GLY B 218 -18.99 22.23 18.98
N ASP B 219 -19.98 21.34 19.10
CA ASP B 219 -19.93 19.94 18.60
C ASP B 219 -20.19 20.00 17.09
N ARG B 220 -20.61 21.15 16.59
CA ARG B 220 -20.88 21.36 15.15
C ARG B 220 -19.55 21.33 14.39
N PRO B 221 -19.57 20.87 13.12
CA PRO B 221 -18.34 20.52 12.41
C PRO B 221 -17.72 21.74 11.72
N LEU B 222 -16.43 21.66 11.43
CA LEU B 222 -15.65 22.75 10.82
C LEU B 222 -15.10 22.24 9.48
N MET B 223 -15.30 23.01 8.42
CA MET B 223 -14.73 22.78 7.08
C MET B 223 -13.64 23.83 6.85
N LEU B 224 -12.49 23.43 6.32
CA LEU B 224 -11.46 24.36 5.77
C LEU B 224 -11.64 24.39 4.26
N ILE B 225 -11.54 25.59 3.67
CA ILE B 225 -11.53 25.77 2.19
C ILE B 225 -10.31 26.63 1.86
N SER B 226 -9.49 26.17 0.91
CA SER B 226 -8.31 26.92 0.44
C SER B 226 -7.87 26.28 -0.87
N LEU B 227 -7.47 27.09 -1.86
CA LEU B 227 -6.91 26.66 -3.16
C LEU B 227 -5.41 26.91 -3.21
N GLY B 228 -4.79 27.11 -2.04
CA GLY B 228 -3.32 27.20 -1.91
C GLY B 228 -2.84 28.59 -2.25
N THR B 229 -1.53 28.74 -2.39
CA THR B 229 -0.82 30.05 -2.50
C THR B 229 -0.45 30.37 -3.95
N ALA B 230 -0.78 29.50 -4.90
CA ALA B 230 -0.77 29.79 -6.35
C ALA B 230 -2.05 29.23 -6.98
N PHE B 231 -2.59 29.93 -7.97
CA PHE B 231 -3.86 29.62 -8.69
C PHE B 231 -4.99 29.68 -7.68
N ASN B 232 -5.12 30.84 -7.01
CA ASN B 232 -6.09 31.06 -5.91
C ASN B 232 -6.95 32.29 -6.22
N ALA B 233 -7.00 32.72 -7.50
CA ALA B 233 -7.63 33.97 -7.97
C ALA B 233 -8.88 33.64 -8.78
N TRP B 234 -9.90 33.06 -8.12
CA TRP B 234 -11.08 32.40 -8.75
C TRP B 234 -12.34 32.78 -7.97
N PRO B 235 -12.73 34.08 -8.04
CA PRO B 235 -13.82 34.61 -7.23
C PRO B 235 -15.10 33.77 -7.28
N GLU B 236 -15.36 33.17 -8.43
CA GLU B 236 -16.64 32.46 -8.73
C GLU B 236 -16.78 31.29 -7.75
N PHE B 237 -15.68 30.62 -7.40
CA PHE B 237 -15.63 29.40 -6.56
C PHE B 237 -16.01 29.70 -5.10
N TYR B 238 -15.33 30.69 -4.53
CA TYR B 238 -15.56 31.19 -3.15
C TYR B 238 -17.06 31.49 -3.01
N LYS B 239 -17.58 32.34 -3.89
CA LYS B 239 -19.02 32.72 -3.95
C LYS B 239 -19.90 31.46 -3.95
N MET B 240 -19.49 30.40 -4.66
CA MET B 240 -20.33 29.18 -4.76
C MET B 240 -20.25 28.38 -3.44
N CYS B 241 -19.13 28.46 -2.73
CA CYS B 241 -18.98 27.83 -1.39
C CYS B 241 -19.91 28.52 -0.39
N ILE B 242 -19.84 29.86 -0.33
CA ILE B 242 -20.78 30.70 0.48
C ILE B 242 -22.20 30.23 0.21
N ASP B 243 -22.63 30.15 -1.05
CA ASP B 243 -24.02 29.73 -1.40
C ASP B 243 -24.18 28.25 -1.03
N ALA B 244 -23.11 27.46 -1.07
CA ALA B 244 -23.18 25.99 -0.85
C ALA B 244 -23.45 25.68 0.62
N PHE B 245 -22.86 26.43 1.55
CA PHE B 245 -22.80 26.05 3.00
C PHE B 245 -23.27 27.19 3.94
N ARG B 246 -23.81 28.29 3.43
CA ARG B 246 -24.38 29.37 4.28
C ARG B 246 -25.47 28.77 5.17
N ASP B 247 -25.54 29.21 6.43
CA ASP B 247 -26.63 28.86 7.39
C ASP B 247 -26.86 27.34 7.33
N SER B 248 -25.77 26.57 7.51
CA SER B 248 -25.75 25.08 7.59
C SER B 248 -24.99 24.67 8.87
N SER B 249 -24.99 23.37 9.21
CA SER B 249 -24.26 22.83 10.40
C SER B 249 -22.85 23.43 10.43
N TRP B 250 -22.21 23.49 9.26
CA TRP B 250 -20.77 23.78 9.05
C TRP B 250 -20.41 25.17 9.59
N GLN B 251 -19.42 25.24 10.48
CA GLN B 251 -18.57 26.44 10.61
C GLN B 251 -17.56 26.28 9.48
N VAL B 252 -17.33 27.32 8.69
CA VAL B 252 -16.47 27.28 7.46
C VAL B 252 -15.36 28.33 7.58
N ILE B 253 -14.10 27.88 7.48
CA ILE B 253 -12.92 28.78 7.40
C ILE B 253 -12.38 28.68 5.98
N MET B 254 -12.40 29.80 5.23
CA MET B 254 -12.16 29.82 3.77
C MET B 254 -11.03 30.81 3.47
N SER B 255 -9.90 30.31 2.95
CA SER B 255 -8.71 31.12 2.61
C SER B 255 -8.71 31.38 1.10
N VAL B 256 -8.88 32.66 0.73
CA VAL B 256 -9.28 33.12 -0.64
C VAL B 256 -8.07 33.72 -1.37
N GLY B 257 -6.89 33.73 -0.73
CA GLY B 257 -5.63 34.13 -1.37
C GLY B 257 -5.40 35.63 -1.31
N LYS B 258 -4.25 36.09 -1.80
CA LYS B 258 -3.85 37.53 -1.78
C LYS B 258 -4.24 38.17 -3.12
N SER B 259 -5.28 37.65 -3.79
CA SER B 259 -5.82 38.14 -5.08
C SER B 259 -7.29 38.53 -4.93
N ILE B 260 -7.84 38.40 -3.73
CA ILE B 260 -9.30 38.56 -3.49
C ILE B 260 -9.50 39.27 -2.14
N ASP B 261 -10.27 40.35 -2.15
CA ASP B 261 -10.60 41.13 -0.94
C ASP B 261 -11.80 40.43 -0.32
N PRO B 262 -11.66 39.87 0.90
CA PRO B 262 -12.80 39.28 1.59
C PRO B 262 -14.00 40.21 1.60
N GLU B 263 -13.77 41.54 1.66
CA GLU B 263 -14.84 42.56 1.81
C GLU B 263 -15.39 42.95 0.43
N SER B 264 -15.27 42.04 -0.55
CA SER B 264 -15.87 42.13 -1.90
C SER B 264 -16.91 41.02 -2.10
N LEU B 265 -16.94 40.05 -1.18
CA LEU B 265 -17.82 38.85 -1.28
C LEU B 265 -19.15 39.18 -0.63
N ASP B 266 -20.20 39.44 -1.41
CA ASP B 266 -21.51 39.91 -0.89
C ASP B 266 -22.10 38.88 0.07
N ASP B 267 -22.86 39.36 1.05
CA ASP B 267 -23.84 38.54 1.80
C ASP B 267 -23.14 37.33 2.42
N THR B 268 -21.96 37.53 3.03
CA THR B 268 -21.17 36.43 3.65
C THR B 268 -21.86 35.97 4.93
N PRO B 269 -22.13 34.67 5.08
CA PRO B 269 -22.83 34.16 6.25
C PRO B 269 -21.96 34.31 7.50
N ALA B 270 -22.59 34.40 8.67
CA ALA B 270 -21.88 34.52 9.97
C ALA B 270 -21.19 33.19 10.30
N ASN B 271 -21.58 32.10 9.63
CA ASN B 271 -20.95 30.77 9.84
C ASN B 271 -19.68 30.63 8.98
N PHE B 272 -19.25 31.72 8.32
CA PHE B 272 -18.06 31.78 7.43
C PHE B 272 -17.06 32.78 8.00
N THR B 273 -15.82 32.35 8.20
CA THR B 273 -14.64 33.20 8.45
C THR B 273 -13.80 33.15 7.19
N ILE B 274 -13.62 34.29 6.52
CA ILE B 274 -13.00 34.40 5.17
C ILE B 274 -11.82 35.36 5.24
N ARG B 275 -10.61 34.84 5.19
CA ARG B 275 -9.40 35.70 5.18
C ARG B 275 -8.58 35.36 3.95
N GLN B 276 -7.61 36.20 3.63
CA GLN B 276 -6.65 35.96 2.53
C GLN B 276 -5.80 34.73 2.86
N SER B 277 -5.51 34.53 4.15
CA SER B 277 -4.63 33.46 4.68
C SER B 277 -5.11 33.01 6.08
N VAL B 278 -4.95 31.72 6.38
CA VAL B 278 -5.27 31.11 7.70
C VAL B 278 -4.08 30.28 8.13
N PRO B 279 -3.83 30.14 9.44
CA PRO B 279 -2.82 29.21 9.94
C PRO B 279 -3.37 27.77 9.77
N GLN B 280 -2.94 27.10 8.70
CA GLN B 280 -3.66 25.95 8.10
C GLN B 280 -3.50 24.72 8.98
N LEU B 281 -2.37 24.58 9.65
CA LEU B 281 -2.13 23.41 10.54
C LEU B 281 -3.08 23.56 11.73
N GLU B 282 -3.13 24.76 12.30
CA GLU B 282 -3.96 25.12 13.48
C GLU B 282 -5.42 24.73 13.20
N VAL B 283 -5.88 24.99 11.98
CA VAL B 283 -7.32 24.84 11.61
C VAL B 283 -7.55 23.37 11.32
N LEU B 284 -6.58 22.70 10.70
CA LEU B 284 -6.74 21.28 10.32
C LEU B 284 -6.78 20.48 11.62
N ALA B 285 -6.09 20.98 12.65
CA ALA B 285 -6.12 20.44 14.03
C ALA B 285 -7.57 20.34 14.55
N LYS B 286 -8.49 21.17 14.01
CA LYS B 286 -9.89 21.32 14.49
C LYS B 286 -10.91 20.98 13.40
N ALA B 287 -10.47 20.62 12.20
CA ALA B 287 -11.35 20.55 11.00
C ALA B 287 -11.92 19.13 10.84
N ASP B 288 -13.07 18.98 10.22
CA ASP B 288 -13.77 17.67 9.99
C ASP B 288 -13.81 17.35 8.49
N LEU B 289 -13.52 18.34 7.64
CA LEU B 289 -13.40 18.19 6.17
C LEU B 289 -12.58 19.36 5.64
N PHE B 290 -11.86 19.14 4.55
CA PHE B 290 -10.97 20.14 3.89
C PHE B 290 -11.26 20.11 2.38
N ILE B 291 -11.79 21.21 1.81
CA ILE B 291 -11.95 21.39 0.33
C ILE B 291 -10.64 22.00 -0.15
N SER B 292 -9.77 21.19 -0.75
CA SER B 292 -8.40 21.61 -1.14
C SER B 292 -8.25 21.56 -2.66
N HIS B 293 -7.06 21.88 -3.14
CA HIS B 293 -6.69 21.96 -4.58
C HIS B 293 -5.71 20.83 -4.94
N GLY B 294 -5.26 20.05 -3.96
CA GLY B 294 -4.38 18.88 -4.18
C GLY B 294 -2.94 19.29 -4.32
N GLY B 295 -2.58 20.47 -3.81
CA GLY B 295 -1.19 20.78 -3.45
C GLY B 295 -0.67 19.69 -2.53
N MET B 296 0.57 19.26 -2.70
CA MET B 296 1.11 18.12 -1.91
C MET B 296 1.06 18.46 -0.42
N ASN B 297 1.49 19.67 -0.02
CA ASN B 297 1.61 20.07 1.40
C ASN B 297 0.25 19.95 2.06
N SER B 298 -0.75 20.58 1.46
CA SER B 298 -2.17 20.60 1.92
C SER B 298 -2.64 19.17 2.10
N THR B 299 -2.32 18.30 1.13
CA THR B 299 -2.85 16.91 1.07
C THR B 299 -2.21 16.14 2.22
N MET B 300 -0.90 16.26 2.41
CA MET B 300 -0.20 15.60 3.53
C MET B 300 -0.59 16.24 4.87
N GLU B 301 -0.66 17.58 4.92
CA GLU B 301 -1.18 18.34 6.10
C GLU B 301 -2.55 17.79 6.52
N ALA B 302 -3.43 17.55 5.55
CA ALA B 302 -4.77 16.97 5.76
C ALA B 302 -4.63 15.58 6.39
N MET B 303 -3.91 14.69 5.71
CA MET B 303 -3.71 13.30 6.19
C MET B 303 -3.07 13.35 7.58
N ASN B 304 -2.08 14.22 7.80
CA ASN B 304 -1.40 14.31 9.10
C ASN B 304 -2.44 14.56 10.21
N ALA B 305 -3.55 15.24 9.89
CA ALA B 305 -4.54 15.71 10.87
C ALA B 305 -5.81 14.87 10.75
N GLY B 306 -5.76 13.81 9.95
CA GLY B 306 -6.89 12.87 9.77
C GLY B 306 -8.13 13.59 9.28
N VAL B 307 -7.98 14.43 8.26
CA VAL B 307 -9.06 15.29 7.73
C VAL B 307 -9.38 14.87 6.30
N PRO B 308 -10.58 14.31 6.06
CA PRO B 308 -10.99 13.91 4.72
C PRO B 308 -10.93 15.05 3.71
N LEU B 309 -10.81 14.72 2.43
CA LEU B 309 -10.56 15.70 1.35
C LEU B 309 -11.74 15.76 0.36
N VAL B 310 -11.98 16.97 -0.16
CA VAL B 310 -12.62 17.25 -1.47
C VAL B 310 -11.58 18.03 -2.26
N VAL B 311 -11.03 17.42 -3.30
CA VAL B 311 -9.85 17.98 -4.03
C VAL B 311 -10.36 18.56 -5.36
N ILE B 312 -10.00 19.81 -5.64
CA ILE B 312 -10.42 20.54 -6.87
C ILE B 312 -9.16 21.09 -7.51
N PRO B 313 -8.46 20.25 -8.29
CA PRO B 313 -7.13 20.59 -8.80
C PRO B 313 -7.15 21.58 -9.98
N GLN B 314 -6.12 22.43 -10.06
CA GLN B 314 -5.95 23.44 -11.12
C GLN B 314 -4.84 22.96 -12.08
N MET B 315 -3.73 22.42 -11.55
CA MET B 315 -2.54 21.96 -12.32
C MET B 315 -2.54 20.45 -12.54
N TYR B 316 -1.60 19.96 -13.36
CA TYR B 316 -1.41 18.53 -13.67
C TYR B 316 -0.96 17.84 -12.38
N GLU B 317 0.04 18.43 -11.70
CA GLU B 317 0.61 17.99 -10.40
C GLU B 317 -0.53 17.76 -9.41
N GLN B 318 -1.51 18.67 -9.44
CA GLN B 318 -2.66 18.69 -8.51
C GLN B 318 -3.68 17.66 -8.98
N GLU B 319 -3.91 17.58 -10.28
CA GLU B 319 -4.83 16.59 -10.90
C GLU B 319 -4.32 15.19 -10.54
N LEU B 320 -2.99 14.99 -10.49
CA LEU B 320 -2.39 13.69 -10.12
C LEU B 320 -2.75 13.38 -8.67
N THR B 321 -2.41 14.29 -7.76
CA THR B 321 -2.71 14.19 -6.31
C THR B 321 -4.22 13.94 -6.09
N ALA B 322 -5.09 14.54 -6.92
CA ALA B 322 -6.57 14.44 -6.80
C ALA B 322 -7.02 13.00 -7.13
N LYS B 323 -6.62 12.49 -8.30
CA LYS B 323 -6.89 11.09 -8.72
C LYS B 323 -6.38 10.15 -7.62
N ARG B 324 -5.20 10.43 -7.07
CA ARG B 324 -4.50 9.58 -6.05
C ARG B 324 -5.30 9.55 -4.76
N VAL B 325 -5.77 10.72 -4.31
CA VAL B 325 -6.61 10.88 -3.08
C VAL B 325 -7.90 10.10 -3.29
N ASP B 326 -8.47 10.17 -4.49
CA ASP B 326 -9.70 9.43 -4.84
C ASP B 326 -9.38 7.92 -4.75
N GLU B 327 -8.33 7.49 -5.45
CA GLU B 327 -7.96 6.07 -5.67
C GLU B 327 -7.69 5.38 -4.32
N LEU B 328 -7.04 6.04 -3.36
CA LEU B 328 -6.71 5.41 -2.05
C LEU B 328 -7.88 5.61 -1.07
N GLY B 329 -9.00 6.18 -1.54
CA GLY B 329 -10.23 6.37 -0.75
C GLY B 329 -10.00 7.28 0.44
N LEU B 330 -9.43 8.46 0.18
CA LEU B 330 -9.03 9.46 1.21
C LEU B 330 -9.89 10.72 1.06
N GLY B 331 -10.79 10.70 0.08
CA GLY B 331 -11.61 11.85 -0.34
C GLY B 331 -12.24 11.64 -1.70
N VAL B 332 -12.40 12.73 -2.44
CA VAL B 332 -13.27 12.82 -3.64
C VAL B 332 -12.67 13.84 -4.62
N TYR B 333 -12.50 13.43 -5.86
CA TYR B 333 -12.03 14.28 -6.98
C TYR B 333 -13.29 14.99 -7.55
N LEU B 334 -13.21 16.31 -7.67
CA LEU B 334 -14.25 17.17 -8.31
C LEU B 334 -13.51 18.13 -9.23
N GLN B 335 -13.90 18.25 -10.50
CA GLN B 335 -13.08 18.99 -11.51
C GLN B 335 -13.37 20.49 -11.43
N ARG B 336 -12.38 21.31 -11.80
CA ARG B 336 -12.44 22.82 -11.75
C ARG B 336 -13.67 23.28 -12.54
N GLU B 337 -13.81 22.85 -13.79
CA GLU B 337 -15.10 22.81 -14.52
C GLU B 337 -15.93 21.68 -13.89
N GLU B 338 -17.22 21.59 -14.17
CA GLU B 338 -18.11 20.53 -13.60
C GLU B 338 -18.20 20.70 -12.07
N VAL B 339 -18.15 21.94 -11.57
CA VAL B 339 -18.36 22.29 -10.13
C VAL B 339 -19.48 23.34 -10.04
N THR B 340 -20.66 22.92 -9.59
CA THR B 340 -21.84 23.75 -9.26
C THR B 340 -22.03 23.74 -7.74
N VAL B 341 -22.62 24.80 -7.17
CA VAL B 341 -23.10 24.81 -5.77
C VAL B 341 -23.61 23.40 -5.40
N SER B 342 -24.37 22.76 -6.28
CA SER B 342 -25.02 21.45 -5.99
C SER B 342 -23.94 20.37 -5.85
N LYS B 343 -22.93 20.42 -6.70
CA LYS B 343 -21.86 19.38 -6.67
C LYS B 343 -21.10 19.51 -5.35
N LEU B 344 -20.57 20.71 -5.07
CA LEU B 344 -19.86 20.93 -3.79
C LEU B 344 -20.69 20.34 -2.65
N GLN B 345 -21.97 20.70 -2.59
CA GLN B 345 -22.84 20.22 -1.48
C GLN B 345 -22.88 18.69 -1.48
N GLU B 346 -23.00 18.09 -2.66
CA GLU B 346 -23.03 16.62 -2.78
C GLU B 346 -21.68 16.06 -2.33
N ALA B 347 -20.60 16.48 -2.97
CA ALA B 347 -19.25 16.02 -2.60
C ALA B 347 -19.14 16.01 -1.07
N VAL B 348 -19.20 17.18 -0.45
CA VAL B 348 -19.09 17.30 1.03
C VAL B 348 -20.04 16.32 1.72
N GLN B 349 -21.28 16.21 1.26
CA GLN B 349 -22.28 15.29 1.86
C GLN B 349 -21.71 13.88 1.82
N ALA B 350 -21.34 13.41 0.63
CA ALA B 350 -20.68 12.10 0.41
C ALA B 350 -19.62 11.90 1.48
N VAL B 351 -18.62 12.78 1.51
CA VAL B 351 -17.29 12.54 2.14
C VAL B 351 -17.45 12.55 3.67
N SER B 352 -18.07 13.59 4.25
CA SER B 352 -18.41 13.64 5.70
C SER B 352 -19.49 12.59 5.94
N GLY B 353 -19.42 11.88 7.06
CA GLY B 353 -20.16 10.61 7.25
C GLY B 353 -20.11 9.73 6.00
N ASP B 354 -18.93 9.16 5.76
CA ASP B 354 -18.74 8.10 4.75
C ASP B 354 -18.10 7.02 5.63
N GLN B 355 -17.58 7.44 6.80
CA GLN B 355 -17.03 6.51 7.81
C GLN B 355 -15.91 5.63 7.25
N GLU B 356 -16.26 4.54 6.57
CA GLU B 356 -15.22 3.69 5.96
C GLU B 356 -14.11 4.59 5.42
N LEU B 357 -14.49 5.70 4.80
CA LEU B 357 -13.50 6.68 4.24
C LEU B 357 -12.73 7.33 5.38
N LEU B 358 -13.45 7.87 6.35
CA LEU B 358 -12.81 8.55 7.51
C LEU B 358 -11.72 7.63 8.06
N SER B 359 -12.04 6.35 8.29
CA SER B 359 -11.12 5.39 8.94
C SER B 359 -9.87 5.17 8.07
N ARG B 360 -10.05 5.11 6.75
CA ARG B 360 -8.94 5.08 5.75
C ARG B 360 -7.99 6.27 5.94
N VAL B 361 -8.52 7.47 6.21
CA VAL B 361 -7.64 8.66 6.39
C VAL B 361 -7.04 8.63 7.79
N LYS B 362 -7.71 8.00 8.78
CA LYS B 362 -7.16 7.84 10.16
C LYS B 362 -5.96 6.89 10.13
N SER B 363 -5.95 5.96 9.17
CA SER B 363 -4.87 4.95 8.99
C SER B 363 -3.85 5.48 7.98
N MET B 364 -4.21 6.46 7.15
CA MET B 364 -3.23 7.20 6.31
C MET B 364 -2.51 8.21 7.20
N GLN B 365 -3.21 8.68 8.23
CA GLN B 365 -2.65 9.59 9.25
C GLN B 365 -1.49 8.84 9.92
N LYS B 366 -1.77 7.71 10.55
CA LYS B 366 -0.74 6.79 11.12
C LYS B 366 0.37 6.57 10.08
N ASP B 367 0.03 5.98 8.94
CA ASP B 367 1.05 5.56 7.94
C ASP B 367 1.88 6.84 7.60
N VAL B 368 1.35 8.06 7.82
CA VAL B 368 2.00 9.40 7.53
C VAL B 368 2.91 9.87 8.69
N LYS B 369 2.46 9.78 9.94
CA LYS B 369 3.25 10.21 11.13
C LYS B 369 4.39 9.21 11.36
N GLU B 370 4.14 7.93 11.09
CA GLU B 370 5.17 6.86 11.13
C GLU B 370 6.38 7.28 10.27
N ALA B 371 6.16 7.82 9.07
CA ALA B 371 7.24 8.13 8.09
C ALA B 371 8.32 9.02 8.72
N GLY B 372 8.08 9.62 9.89
CA GLY B 372 9.13 10.15 10.77
C GLY B 372 9.25 11.66 10.77
N GLY B 373 9.02 12.30 9.62
CA GLY B 373 8.95 13.76 9.45
C GLY B 373 10.31 14.45 9.51
N ALA B 374 10.31 15.75 9.84
CA ALA B 374 11.52 16.58 10.10
C ALA B 374 12.55 15.74 10.85
N GLU B 375 12.21 15.26 12.04
CA GLU B 375 13.11 14.48 12.93
C GLU B 375 13.88 13.43 12.11
N ARG B 376 13.18 12.61 11.32
CA ARG B 376 13.79 11.50 10.54
C ARG B 376 14.65 12.08 9.41
N ALA B 377 14.20 13.16 8.77
CA ALA B 377 14.92 13.79 7.64
C ALA B 377 16.23 14.40 8.15
N ALA B 378 16.18 15.09 9.30
CA ALA B 378 17.36 15.64 10.00
C ALA B 378 18.37 14.50 10.22
N ALA B 379 18.00 13.52 11.06
CA ALA B 379 18.71 12.23 11.29
C ALA B 379 19.36 11.71 9.99
N GLU B 380 18.55 11.46 8.96
CA GLU B 380 19.01 10.90 7.67
C GLU B 380 20.06 11.85 7.06
N ILE B 381 19.88 13.17 7.20
CA ILE B 381 20.82 14.19 6.63
C ILE B 381 22.11 14.17 7.46
N GLU B 382 22.02 14.29 8.80
CA GLU B 382 23.21 14.31 9.71
C GLU B 382 23.95 12.96 9.66
N ALA B 383 23.35 11.93 9.04
CA ALA B 383 23.96 10.61 8.78
C ALA B 383 24.65 10.57 7.40
N PHE B 384 24.18 11.35 6.42
CA PHE B 384 24.65 11.36 5.01
C PHE B 384 25.94 12.18 4.90
N MET B 385 26.07 13.19 5.76
CA MET B 385 27.33 13.95 5.92
C MET B 385 28.44 12.93 6.18
N LYS B 386 28.32 12.17 7.27
CA LYS B 386 29.23 11.05 7.63
C LYS B 386 29.10 9.92 6.59
N LYS B 387 29.38 10.22 5.31
CA LYS B 387 29.41 9.25 4.18
C LYS B 387 30.28 9.86 3.07
N SER B 388 31.50 10.27 3.44
CA SER B 388 32.50 10.93 2.55
C SER B 388 33.90 10.80 3.16
N1 UDP C . 0.53 -24.32 7.60
C2 UDP C . 0.56 -24.67 8.95
N3 UDP C . 1.57 -25.41 9.44
C4 UDP C . 2.58 -25.84 8.66
C5 UDP C . 2.57 -25.48 7.31
C6 UDP C . 1.52 -24.71 6.80
O2 UDP C . -0.37 -24.27 9.67
O4 UDP C . 3.55 -26.54 9.09
C1' UDP C . -0.59 -23.50 7.10
C2' UDP C . -0.27 -22.02 7.25
O2' UDP C . -0.70 -21.45 8.52
C3' UDP C . -0.99 -21.39 6.08
C4' UDP C . -1.12 -22.48 5.03
O4' UDP C . -0.81 -23.72 5.69
O3' UDP C . -2.29 -20.99 6.51
C5' UDP C . -0.19 -22.25 3.88
O5' UDP C . -0.83 -21.46 2.91
PA UDP C . 0.08 -20.67 1.88
O1A UDP C . 1.12 -19.97 2.72
O2A UDP C . -0.76 -19.88 0.91
O3A UDP C . 0.97 -21.68 1.02
PB UDP C . 0.43 -23.03 0.32
O1B UDP C . 1.46 -23.40 -0.77
O2B UDP C . 0.35 -24.00 1.47
O3B UDP C . -0.93 -22.65 -0.23
HN3 UDP C . 1.55 -25.63 10.32
H5 UDP C . 3.30 -25.77 6.72
H6 UDP C . 1.52 -24.46 5.86
H1' UDP C . -1.40 -23.72 7.60
H2' UDP C . 0.69 -21.83 7.17
HO2' UDP C . -0.45 -20.66 8.56
H3' UDP C . -0.45 -20.65 5.69
H4' UDP C . -2.04 -22.53 4.69
HO3' UDP C . -2.21 -20.42 7.13
H5'1 UDP C . 0.63 -21.78 4.20
H5'2 UDP C . 0.08 -23.12 3.48
N1 UDP D . -1.11 27.60 3.59
C2 UDP D . -1.35 28.27 4.81
N3 UDP D . -2.44 29.05 4.96
C4 UDP D . -3.31 29.21 3.95
C5 UDP D . -3.10 28.55 2.73
C6 UDP D . -1.97 27.75 2.56
O2 UDP D . -0.54 28.15 5.75
O4 UDP D . -4.31 29.92 4.09
C1' UDP D . 0.09 26.76 3.44
C2' UDP D . -0.23 25.32 3.64
O2' UDP D . -0.09 24.96 5.02
C3' UDP D . 0.81 24.70 2.75
C4' UDP D . 1.12 25.69 1.66
O4' UDP D . 0.59 26.89 2.11
O3' UDP D . 2.00 24.56 3.50
C5' UDP D . 0.47 25.38 0.36
O5' UDP D . 1.25 24.37 -0.24
PA UDP D . 0.58 23.37 -1.30
O1A UDP D . 1.68 22.47 -1.86
O2A UDP D . -0.55 22.75 -0.51
O3A UDP D . -0.14 24.27 -2.46
PB UDP D . 0.53 25.44 -3.34
O1B UDP D . 2.01 25.18 -3.28
O2B UDP D . 0.19 26.72 -2.65
O3B UDP D . -0.14 25.36 -4.71
HN3 UDP D . -2.58 29.47 5.75
H5 UDP D . -3.73 28.66 1.99
H6 UDP D . -1.80 27.30 1.71
H1' UDP D . 0.78 27.06 4.08
H2' UDP D . -1.12 25.07 3.30
HO2' UDP D . -0.27 24.15 5.12
H3' UDP D . 0.46 23.88 2.32
H4' UDP D . 2.09 25.78 1.51
HO3' UDP D . 1.86 24.04 4.16
H5'1 UDP D . -0.45 25.04 0.50
H5'2 UDP D . 0.45 26.17 -0.23
#